data_7EFO
#
_entry.id   7EFO
#
_cell.length_a   1.00
_cell.length_b   1.00
_cell.length_c   1.00
_cell.angle_alpha   90.00
_cell.angle_beta   90.00
_cell.angle_gamma   90.00
#
_symmetry.space_group_name_H-M   'P 1'
#
loop_
_entity.id
_entity.type
_entity.pdbx_description
1 polymer 'Lipopolysaccharide export system ATP-binding protein LptB'
2 polymer 'Lipopolysaccharide export system permease protein LptF'
3 polymer 'LPS export ABC transporter permease LptG'
4 non-polymer '(2~{R},4~{R},5~{R},6~{R})-6-[(1~{R})-1,2-bis(oxidanyl)ethyl]-2-[(2~{R},4~{R},5~{R},6~{R})-6-[(1~{R})-1,2-bis(oxidanyl)ethyl]-5-[(2~{S},3~{S},4~{R},5~{R},6~{R})-6-[(1~{S})-1,2-bis(oxidanyl)ethyl]-4-[(2~{R},3~{S},4~{R},5~{S},6~{R})-6-[(1~{S})-2-[(2~{S},3~{S},4~{S},5~{S},6~{R})-6-[(1~{S})-1,2-bis(oxidanyl)ethyl]-3,4,5-tris(oxidanyl)oxan-2-yl]oxy-1-oxidanyl-ethyl]-3,4-bis(oxidanyl)-5-phosphonooxy-oxan-2-yl]oxy-3-oxidanyl-5-phosphonooxy-oxan-2-yl]oxy-2-carboxy-2-[[(2~{R},3~{S},4~{R},5~{R},6~{R})-5-[[(3~{R})-3-dodecanoyloxytetradecanoyl]amino]-6-[[(2~{R},3~{S},4~{R},5~{R},6~{R})-3-oxidanyl-5-[[(3~{R})-3-oxidanyltetradecanoyl]amino]-4-[(3~{R})-3-oxidanyltetradecanoyl]oxy-6-phosphonooxy-oxan-2-yl]methoxy]-3-phosphonooxy-4-[(3~{R})-3-tetradecanoyloxytetradecanoyl]oxy-oxan-2-yl]methoxy]oxan-4-yl]oxy-4,5-bis(oxidanyl)oxane-2-carboxylic acid'
#
loop_
_entity_poly.entity_id
_entity_poly.type
_entity_poly.pdbx_seq_one_letter_code
_entity_poly.pdbx_strand_id
1 'polypeptide(L)'
;MATLTAKNLAKAYKGRRVVEDVSLTVNSGEIVGLLGPNGAGKTTTFYMVVGIVPRDAGNIIIDDEDISLLPLHARARRGI
GYLPQEASIFRRLSVYDNLMAVLQIRDDLTSEQREDRAKELMEEFHIEHLRDSLGQALSGGERRRVEIARALAANPKFIL
LDEPFAGVDPISVIDIKRIIEHLRDSGLGVLITDHNVRETLAVCERAYIVSQGHLIAHGTPQQILEDEQVKRVYLGEDFR
L
;
A,B
2 'polypeptide(L)'
;MIIIRYLVRETLKSQLAILFILLLIFFCQKLVRILGAAVDGDIPTNLVLSLLGLGIPEMAQLILPLSLFLGLLMTLGKLY
TESEITVMHACGLSKAVLIKAAMILALFTGAVAAVNVMWAGPWSSRHQDEVLAEAKANPGMAALAQGQFQQASDGNAVMF
IESVNGNRFHDVFLAQLRPKGNARPSVVVADSGELSQQKDGSQVVTLNKGTRFEGTAMLRDFRITDFNNYQAIIGHQAVS
ADPDDTEQMDMRTLWKTHTDRARAELHWRFTLVATVFIMALMVVPLSVVNPRQGRVLSMLPAMLLYLVFFLLQTSIKSNG
GKGKMDPAIWMWAINLLYFALAVLLNLWDTVPMRRFRARFNKGAA
;
F
3 'polypeptide(L)'
;MQAFGVLDRYIGKTIFNTIMMTLFMLVSLSGIIKFVDQLKKSGQGSYDALGAGLYTILSVPKDIQIFFPMAALLGALLGL
GMLAQRSELVVMQASGFTRLQVALAVMKTAIPLVLLTMAIGEWVAPQGEQMARNYRAQQMYGGSLLSTQQGLWAKDGHNF
VYIERVKGNDELGGVSIYAFNPERRLQSVRYAASAKFDSENKVWRLSQVDESDLTDPKQVTGSQMVSGTWKTNLTPDKLG
VVALDPDALSISGLHNYVKYLKSSGQDPGRYQLNMWSKIFQPLSVAVMMLMALSFIFGPLRSVPMGVRVVTGISFGFIFY
VLDQIFGPLTLVYGIPPIIGALLPSASFFLISLWLMMRKA
;
G
#
# COMPACT_ATOMS: atom_id res chain seq x y z
N ALA A 2 -38.23 -9.85 11.81
CA ALA A 2 -36.80 -9.90 11.51
C ALA A 2 -36.05 -8.77 12.22
N THR A 3 -35.03 -9.14 12.98
CA THR A 3 -34.23 -8.17 13.73
C THR A 3 -32.76 -8.49 13.57
N LEU A 4 -31.92 -7.50 13.90
CA LEU A 4 -30.48 -7.68 14.03
C LEU A 4 -30.10 -6.89 15.29
N THR A 5 -30.20 -7.54 16.45
CA THR A 5 -29.97 -6.89 17.73
C THR A 5 -28.61 -7.27 18.29
N ALA A 6 -28.08 -6.37 19.11
CA ALA A 6 -26.79 -6.55 19.76
C ALA A 6 -26.97 -6.39 21.26
N LYS A 7 -26.19 -7.13 22.03
CA LYS A 7 -26.30 -7.14 23.48
C LYS A 7 -24.95 -6.81 24.09
N ASN A 8 -24.82 -5.60 24.62
CA ASN A 8 -23.68 -5.18 25.43
C ASN A 8 -22.35 -5.47 24.71
N LEU A 9 -22.28 -5.05 23.46
CA LEU A 9 -21.10 -5.31 22.65
C LEU A 9 -19.90 -4.50 23.15
N ALA A 10 -18.74 -5.14 23.16
CA ALA A 10 -17.51 -4.49 23.61
C ALA A 10 -16.32 -5.27 23.07
N LYS A 11 -15.24 -4.55 22.80
CA LYS A 11 -14.07 -5.15 22.17
C LYS A 11 -12.88 -4.22 22.38
N ALA A 12 -11.71 -4.81 22.60
CA ALA A 12 -10.47 -4.07 22.71
C ALA A 12 -9.44 -4.71 21.78
N TYR A 13 -8.88 -3.91 20.88
CA TYR A 13 -7.87 -4.43 19.96
C TYR A 13 -6.68 -5.02 20.71
N LYS A 14 -6.11 -4.25 21.63
CA LYS A 14 -5.08 -4.75 22.52
C LYS A 14 -5.22 -4.16 23.92
N GLY A 15 -6.45 -4.02 24.39
CA GLY A 15 -6.71 -3.57 25.74
C GLY A 15 -7.17 -2.14 25.88
N ARG A 16 -7.48 -1.45 24.79
CA ARG A 16 -7.85 -0.04 24.85
C ARG A 16 -9.34 0.20 25.07
N ARG A 17 -10.16 -0.85 25.08
CA ARG A 17 -11.61 -0.74 25.25
C ARG A 17 -12.19 0.27 24.26
N VAL A 18 -11.98 0.00 22.97
CA VAL A 18 -12.45 0.90 21.93
C VAL A 18 -13.95 0.93 21.81
N VAL A 19 -14.66 -0.02 22.41
CA VAL A 19 -16.11 -0.05 22.43
C VAL A 19 -16.57 -0.59 23.78
N GLU A 20 -17.56 0.08 24.37
CA GLU A 20 -18.01 -0.22 25.73
C GLU A 20 -19.53 -0.28 25.77
N ASP A 21 -20.07 -1.49 25.93
CA ASP A 21 -21.49 -1.73 26.18
C ASP A 21 -22.38 -0.93 25.23
N VAL A 22 -22.25 -1.25 23.95
CA VAL A 22 -23.05 -0.65 22.89
C VAL A 22 -24.10 -1.67 22.46
N SER A 23 -25.35 -1.22 22.33
CA SER A 23 -26.45 -2.06 21.90
C SER A 23 -27.12 -1.39 20.71
N LEU A 24 -27.25 -2.12 19.61
CA LEU A 24 -27.93 -1.62 18.42
C LEU A 24 -29.03 -2.59 18.04
N THR A 25 -30.20 -2.05 17.76
CA THR A 25 -31.34 -2.85 17.32
C THR A 25 -31.88 -2.26 16.03
N VAL A 26 -31.98 -3.09 14.99
CA VAL A 26 -32.52 -2.68 13.71
C VAL A 26 -33.56 -3.70 13.28
N ASN A 27 -34.75 -3.21 12.93
CA ASN A 27 -35.86 -4.11 12.50
C ASN A 27 -35.96 -3.98 10.98
N SER A 28 -36.62 -4.92 10.30
CA SER A 28 -36.62 -4.87 8.82
C SER A 28 -37.35 -3.61 8.37
N GLY A 29 -36.82 -2.93 7.35
CA GLY A 29 -37.48 -1.74 6.80
C GLY A 29 -37.17 -0.52 7.63
N GLU A 30 -36.27 -0.65 8.61
CA GLU A 30 -35.97 0.49 9.51
C GLU A 30 -34.52 0.90 9.29
N ILE A 31 -34.29 1.82 8.35
CA ILE A 31 -32.91 2.20 8.06
C ILE A 31 -32.29 2.80 9.31
N VAL A 32 -31.14 2.26 9.70
CA VAL A 32 -30.45 2.73 10.90
C VAL A 32 -29.04 3.16 10.51
N GLY A 33 -28.57 4.21 11.16
CA GLY A 33 -27.24 4.74 10.91
C GLY A 33 -26.37 4.63 12.14
N LEU A 34 -25.10 4.29 11.93
CA LEU A 34 -24.12 4.16 12.99
C LEU A 34 -23.14 5.32 12.84
N LEU A 35 -23.57 6.49 13.38
CA LEU A 35 -22.89 7.81 13.27
C LEU A 35 -22.16 8.20 14.59
N GLY A 36 -21.35 9.28 14.63
CA GLY A 36 -20.49 9.59 15.82
C GLY A 36 -19.04 9.93 15.47
N PRO A 37 -18.09 10.06 16.42
CA PRO A 37 -16.68 10.26 16.05
C PRO A 37 -16.05 9.02 15.41
N ASN A 38 -15.14 9.21 14.45
CA ASN A 38 -14.52 8.08 13.72
C ASN A 38 -13.41 7.46 14.57
N GLY A 39 -13.08 6.19 14.34
CA GLY A 39 -12.10 5.51 15.16
C GLY A 39 -12.44 5.45 16.64
N ALA A 40 -13.52 6.07 17.07
CA ALA A 40 -13.92 6.04 18.46
C ALA A 40 -14.71 4.80 18.83
N GLY A 41 -15.15 4.02 17.85
CA GLY A 41 -15.95 2.85 18.11
C GLY A 41 -17.07 2.70 17.10
N LYS A 42 -17.27 3.75 16.28
CA LYS A 42 -18.32 3.72 15.28
C LYS A 42 -18.09 2.61 14.27
N THR A 43 -16.87 2.53 13.72
CA THR A 43 -16.58 1.49 12.75
C THR A 43 -16.41 0.13 13.43
N THR A 44 -15.72 0.09 14.57
CA THR A 44 -15.44 -1.18 15.21
C THR A 44 -16.73 -1.87 15.66
N THR A 45 -17.66 -1.11 16.24
CA THR A 45 -18.97 -1.67 16.55
C THR A 45 -19.68 -2.15 15.29
N PHE A 46 -19.64 -1.34 14.23
CA PHE A 46 -20.21 -1.75 12.96
C PHE A 46 -19.51 -2.99 12.42
N TYR A 47 -18.17 -2.97 12.43
CA TYR A 47 -17.43 -4.13 11.94
C TYR A 47 -17.59 -5.34 12.85
N MET A 48 -17.96 -5.13 14.12
CA MET A 48 -18.22 -6.27 14.99
C MET A 48 -19.55 -6.91 14.65
N VAL A 49 -20.55 -6.10 14.27
CA VAL A 49 -21.83 -6.66 13.84
C VAL A 49 -21.65 -7.45 12.56
N VAL A 50 -20.93 -6.89 11.59
CA VAL A 50 -20.77 -7.55 10.30
C VAL A 50 -20.04 -8.87 10.47
N GLY A 51 -18.92 -8.86 11.19
CA GLY A 51 -18.18 -10.08 11.43
C GLY A 51 -16.71 -9.95 11.12
N ILE A 52 -16.30 -8.80 10.59
CA ILE A 52 -14.89 -8.58 10.28
C ILE A 52 -14.07 -8.59 11.57
N VAL A 53 -14.54 -7.89 12.58
CA VAL A 53 -13.91 -7.88 13.90
C VAL A 53 -14.63 -8.89 14.77
N PRO A 54 -13.97 -9.96 15.23
CA PRO A 54 -14.66 -10.97 16.02
C PRO A 54 -15.18 -10.40 17.34
N ARG A 55 -16.26 -10.99 17.82
CA ARG A 55 -16.91 -10.54 19.03
C ARG A 55 -16.08 -10.94 20.25
N ASP A 56 -16.12 -10.08 21.27
CA ASP A 56 -15.33 -10.28 22.49
C ASP A 56 -16.18 -10.59 23.71
N ALA A 57 -17.09 -9.69 24.09
CA ALA A 57 -17.88 -9.90 25.29
C ALA A 57 -19.36 -9.60 25.12
N GLY A 58 -19.79 -9.15 23.94
CA GLY A 58 -21.19 -8.88 23.69
C GLY A 58 -21.93 -10.10 23.18
N ASN A 59 -23.01 -9.84 22.44
CA ASN A 59 -23.77 -10.91 21.80
C ASN A 59 -24.70 -10.29 20.77
N ILE A 60 -24.66 -10.79 19.55
CA ILE A 60 -25.55 -10.35 18.47
C ILE A 60 -26.54 -11.46 18.17
N ILE A 61 -27.79 -11.09 17.91
CA ILE A 61 -28.87 -12.04 17.69
C ILE A 61 -29.69 -11.56 16.49
N ILE A 62 -30.13 -12.50 15.65
CA ILE A 62 -31.02 -12.15 14.55
C ILE A 62 -32.46 -12.20 15.03
N ASP A 63 -32.95 -13.40 15.36
CA ASP A 63 -34.25 -13.55 16.01
C ASP A 63 -34.11 -14.24 17.35
N ASP A 64 -33.56 -15.45 17.39
CA ASP A 64 -33.15 -16.12 18.61
C ASP A 64 -31.81 -16.83 18.48
N GLU A 65 -31.27 -16.93 17.28
CA GLU A 65 -30.06 -17.72 17.01
C GLU A 65 -28.83 -16.91 17.36
N ASP A 66 -27.89 -17.54 18.07
CA ASP A 66 -26.63 -16.88 18.40
C ASP A 66 -25.72 -16.83 17.17
N ILE A 67 -25.12 -15.67 16.95
CA ILE A 67 -24.18 -15.49 15.85
C ILE A 67 -22.91 -14.82 16.36
N SER A 68 -22.70 -14.88 17.68
CA SER A 68 -21.53 -14.22 18.26
C SER A 68 -20.23 -14.86 17.78
N LEU A 69 -20.06 -16.16 18.04
CA LEU A 69 -18.85 -16.83 17.58
C LEU A 69 -18.83 -17.02 16.08
N LEU A 70 -19.99 -16.97 15.42
CA LEU A 70 -20.06 -17.23 14.00
C LEU A 70 -19.26 -16.19 13.22
N PRO A 71 -18.41 -16.61 12.28
CA PRO A 71 -17.69 -15.63 11.46
C PRO A 71 -18.62 -14.87 10.53
N LEU A 72 -18.05 -14.04 9.65
CA LEU A 72 -18.86 -13.21 8.78
C LEU A 72 -19.74 -14.05 7.87
N HIS A 73 -19.15 -15.02 7.16
CA HIS A 73 -19.89 -15.74 6.14
C HIS A 73 -21.05 -16.54 6.73
N ALA A 74 -20.80 -17.23 7.85
CA ALA A 74 -21.88 -17.95 8.51
C ALA A 74 -22.97 -16.98 8.94
N ARG A 75 -22.57 -15.84 9.51
CA ARG A 75 -23.53 -14.77 9.76
C ARG A 75 -24.11 -14.27 8.44
N ALA A 76 -23.28 -14.18 7.40
CA ALA A 76 -23.75 -13.69 6.11
C ALA A 76 -24.72 -14.67 5.47
N ARG A 77 -24.38 -15.97 5.51
CA ARG A 77 -25.24 -16.97 4.87
C ARG A 77 -26.65 -16.95 5.44
N ARG A 78 -26.80 -16.52 6.69
CA ARG A 78 -28.14 -16.49 7.29
C ARG A 78 -28.90 -15.25 6.84
N GLY A 79 -28.46 -14.07 7.27
CA GLY A 79 -29.18 -12.86 6.93
C GLY A 79 -28.38 -11.59 6.74
N ILE A 80 -27.05 -11.69 6.70
CA ILE A 80 -26.18 -10.53 6.75
C ILE A 80 -25.60 -10.27 5.36
N GLY A 81 -25.78 -9.06 4.87
CA GLY A 81 -25.15 -8.63 3.63
C GLY A 81 -24.33 -7.38 3.84
N TYR A 82 -23.01 -7.49 3.67
CA TYR A 82 -22.09 -6.40 3.98
C TYR A 82 -21.55 -5.78 2.70
N LEU A 83 -21.62 -4.44 2.66
CA LEU A 83 -21.13 -3.69 1.49
C LEU A 83 -19.82 -2.95 1.87
N PRO A 84 -18.59 -3.34 1.41
CA PRO A 84 -17.36 -2.69 1.86
C PRO A 84 -17.23 -1.28 1.31
N GLN A 85 -16.36 -0.50 1.97
CA GLN A 85 -16.09 0.86 1.52
C GLN A 85 -15.43 0.87 0.14
N GLU A 86 -14.55 -0.09 -0.11
CA GLU A 86 -13.78 -0.12 -1.35
C GLU A 86 -14.66 -0.59 -2.49
N ALA A 87 -14.05 -0.87 -3.64
CA ALA A 87 -14.82 -1.13 -4.85
C ALA A 87 -15.52 -2.47 -4.81
N SER A 88 -14.76 -3.57 -4.77
CA SER A 88 -15.31 -4.92 -4.78
C SER A 88 -16.34 -5.09 -5.90
N ILE A 89 -15.88 -4.87 -7.14
CA ILE A 89 -16.74 -4.99 -8.30
C ILE A 89 -16.47 -6.25 -9.09
N PHE A 90 -15.61 -7.14 -8.58
CA PHE A 90 -15.19 -8.33 -9.32
C PHE A 90 -14.56 -7.93 -10.66
N ARG A 91 -13.41 -7.26 -10.54
CA ARG A 91 -12.78 -6.61 -11.70
C ARG A 91 -12.66 -7.55 -12.89
N ARG A 92 -12.23 -8.79 -12.66
CA ARG A 92 -11.99 -9.74 -13.73
C ARG A 92 -13.20 -10.64 -13.99
N LEU A 93 -14.40 -10.20 -13.62
CA LEU A 93 -15.61 -10.97 -13.85
C LEU A 93 -16.71 -10.05 -14.34
N SER A 94 -17.51 -10.55 -15.29
CA SER A 94 -18.60 -9.77 -15.83
C SER A 94 -19.75 -9.70 -14.84
N VAL A 95 -20.61 -8.69 -15.02
CA VAL A 95 -21.73 -8.49 -14.11
C VAL A 95 -22.68 -9.68 -14.16
N TYR A 96 -22.92 -10.21 -15.36
CA TYR A 96 -23.77 -11.43 -15.39
C TYR A 96 -23.10 -12.48 -14.50
N ASP A 97 -21.84 -12.78 -14.79
CA ASP A 97 -21.18 -13.80 -13.98
C ASP A 97 -21.10 -13.39 -12.52
N ASN A 98 -20.85 -12.11 -12.26
CA ASN A 98 -20.64 -11.66 -10.88
C ASN A 98 -21.87 -11.92 -10.02
N LEU A 99 -23.05 -11.59 -10.53
CA LEU A 99 -24.27 -11.89 -9.79
C LEU A 99 -24.53 -13.38 -9.71
N MET A 100 -24.36 -14.09 -10.83
CA MET A 100 -24.58 -15.54 -10.81
C MET A 100 -23.54 -16.26 -9.97
N ALA A 101 -22.34 -15.69 -9.82
CA ALA A 101 -21.34 -16.28 -8.94
C ALA A 101 -21.82 -16.25 -7.49
N VAL A 102 -22.34 -15.12 -7.05
CA VAL A 102 -22.87 -15.01 -5.69
C VAL A 102 -24.16 -15.80 -5.55
N LEU A 103 -25.01 -15.77 -6.57
CA LEU A 103 -26.28 -16.48 -6.50
C LEU A 103 -26.08 -17.97 -6.24
N GLN A 104 -24.94 -18.52 -6.68
CA GLN A 104 -24.65 -19.93 -6.44
C GLN A 104 -24.52 -20.24 -4.95
N ILE A 105 -24.26 -19.23 -4.11
CA ILE A 105 -24.19 -19.46 -2.68
C ILE A 105 -25.55 -19.88 -2.14
N ARG A 106 -26.62 -19.25 -2.61
CA ARG A 106 -27.97 -19.64 -2.23
C ARG A 106 -28.23 -21.03 -2.82
N ASP A 107 -28.15 -22.05 -1.97
CA ASP A 107 -28.24 -23.43 -2.46
C ASP A 107 -29.67 -23.84 -2.76
N ASP A 108 -30.64 -23.31 -2.03
CA ASP A 108 -32.03 -23.71 -2.20
C ASP A 108 -32.61 -23.27 -3.54
N LEU A 109 -31.97 -22.35 -4.25
CA LEU A 109 -32.49 -21.82 -5.50
C LEU A 109 -31.99 -22.68 -6.65
N THR A 110 -32.92 -23.18 -7.47
CA THR A 110 -32.55 -24.02 -8.60
C THR A 110 -31.90 -23.19 -9.69
N SER A 111 -31.08 -23.86 -10.52
CA SER A 111 -30.30 -23.14 -11.53
C SER A 111 -31.21 -22.44 -12.53
N GLU A 112 -32.28 -23.11 -12.97
CA GLU A 112 -33.18 -22.49 -13.94
C GLU A 112 -33.83 -21.24 -13.37
N GLN A 113 -34.28 -21.29 -12.12
CA GLN A 113 -34.82 -20.10 -11.48
C GLN A 113 -33.73 -19.13 -11.03
N ARG A 114 -32.51 -19.62 -10.83
CA ARG A 114 -31.41 -18.74 -10.43
C ARG A 114 -31.09 -17.73 -11.52
N GLU A 115 -31.19 -18.17 -12.77
CA GLU A 115 -30.90 -17.28 -13.94
C GLU A 115 -31.95 -16.18 -13.98
N ASP A 116 -33.21 -16.53 -13.69
CA ASP A 116 -34.27 -15.53 -13.65
C ASP A 116 -34.05 -14.56 -12.51
N ARG A 117 -33.58 -15.05 -11.37
CA ARG A 117 -33.22 -14.17 -10.26
C ARG A 117 -32.11 -13.22 -10.67
N ALA A 118 -31.11 -13.72 -11.40
CA ALA A 118 -30.04 -12.85 -11.89
C ALA A 118 -30.61 -11.77 -12.79
N LYS A 119 -31.49 -12.15 -13.72
CA LYS A 119 -32.11 -11.17 -14.60
C LYS A 119 -32.99 -10.21 -13.81
N GLU A 120 -33.64 -10.71 -12.76
CA GLU A 120 -34.47 -9.84 -11.92
C GLU A 120 -33.65 -8.71 -11.33
N LEU A 121 -32.49 -9.04 -10.76
CA LEU A 121 -31.65 -8.01 -10.13
C LEU A 121 -30.99 -7.12 -11.17
N MET A 122 -30.60 -7.68 -12.31
CA MET A 122 -29.95 -6.88 -13.34
C MET A 122 -30.88 -5.78 -13.84
N GLU A 123 -32.17 -6.09 -14.00
CA GLU A 123 -33.15 -5.09 -14.39
C GLU A 123 -33.69 -4.30 -13.21
N GLU A 124 -33.43 -4.76 -11.98
CA GLU A 124 -33.87 -4.02 -10.80
C GLU A 124 -32.99 -2.81 -10.54
N PHE A 125 -31.69 -2.91 -10.85
CA PHE A 125 -30.75 -1.82 -10.65
C PHE A 125 -30.27 -1.21 -11.96
N HIS A 126 -30.94 -1.52 -13.07
CA HIS A 126 -30.65 -0.90 -14.37
C HIS A 126 -29.20 -1.14 -14.80
N ILE A 127 -28.68 -2.32 -14.48
CA ILE A 127 -27.34 -2.72 -14.91
C ILE A 127 -27.39 -3.93 -15.84
N GLU A 128 -28.56 -4.22 -16.40
CA GLU A 128 -28.71 -5.41 -17.22
C GLU A 128 -27.87 -5.33 -18.49
N HIS A 129 -27.70 -4.14 -19.04
CA HIS A 129 -26.91 -3.97 -20.25
C HIS A 129 -25.42 -4.21 -20.02
N LEU A 130 -25.04 -4.36 -18.75
CA LEU A 130 -23.62 -4.58 -18.39
C LEU A 130 -23.35 -6.07 -18.19
N ARG A 131 -24.20 -6.95 -18.74
CA ARG A 131 -23.97 -8.38 -18.60
C ARG A 131 -22.71 -8.81 -19.33
N ASP A 132 -22.43 -8.19 -20.48
CA ASP A 132 -21.22 -8.48 -21.23
C ASP A 132 -20.03 -7.64 -20.77
N SER A 133 -20.27 -6.59 -20.00
CA SER A 133 -19.19 -5.72 -19.55
C SER A 133 -18.21 -6.51 -18.69
N LEU A 134 -16.92 -6.22 -18.87
CA LEU A 134 -15.89 -6.93 -18.12
C LEU A 134 -16.00 -6.67 -16.63
N GLY A 135 -16.57 -5.54 -16.24
CA GLY A 135 -16.68 -5.18 -14.84
C GLY A 135 -15.43 -4.59 -14.24
N GLN A 136 -14.36 -4.48 -15.04
CA GLN A 136 -13.06 -3.93 -14.53
C GLN A 136 -13.25 -2.47 -14.11
N ALA A 137 -14.00 -1.69 -14.90
CA ALA A 137 -14.18 -0.27 -14.64
C ALA A 137 -15.66 0.08 -14.80
N LEU A 138 -16.24 0.64 -13.75
CA LEU A 138 -17.62 1.13 -13.79
C LEU A 138 -17.70 2.44 -13.02
N SER A 139 -18.65 3.28 -13.42
CA SER A 139 -18.83 4.57 -12.81
C SER A 139 -19.30 4.42 -11.36
N GLY A 140 -19.11 5.49 -10.59
CA GLY A 140 -19.55 5.48 -9.21
C GLY A 140 -21.03 5.18 -9.05
N GLY A 141 -21.85 5.66 -9.98
CA GLY A 141 -23.22 5.21 -10.03
C GLY A 141 -23.34 3.75 -10.42
N GLU A 142 -22.56 3.32 -11.41
CA GLU A 142 -22.62 1.93 -11.86
C GLU A 142 -21.96 0.99 -10.86
N ARG A 143 -20.81 1.40 -10.32
CA ARG A 143 -20.03 0.48 -9.48
C ARG A 143 -20.83 0.01 -8.27
N ARG A 144 -21.47 0.94 -7.57
CA ARG A 144 -22.22 0.56 -6.37
C ARG A 144 -23.45 -0.28 -6.71
N ARG A 145 -24.06 -0.05 -7.86
CA ARG A 145 -25.25 -0.81 -8.22
C ARG A 145 -24.93 -2.28 -8.45
N VAL A 146 -23.75 -2.58 -9.01
CA VAL A 146 -23.33 -3.97 -9.13
C VAL A 146 -23.10 -4.58 -7.76
N GLU A 147 -22.44 -3.85 -6.87
CA GLU A 147 -22.18 -4.36 -5.53
C GLU A 147 -23.48 -4.62 -4.78
N ILE A 148 -24.41 -3.67 -4.83
CA ILE A 148 -25.69 -3.85 -4.14
C ILE A 148 -26.45 -5.03 -4.72
N ALA A 149 -26.51 -5.12 -6.05
CA ALA A 149 -27.12 -6.29 -6.68
C ALA A 149 -26.45 -7.56 -6.21
N ARG A 150 -25.12 -7.57 -6.16
CA ARG A 150 -24.39 -8.73 -5.68
C ARG A 150 -24.76 -9.05 -4.23
N ALA A 151 -24.78 -8.03 -3.37
CA ALA A 151 -25.18 -8.26 -1.98
C ALA A 151 -26.64 -8.69 -1.90
N LEU A 152 -27.51 -8.03 -2.66
CA LEU A 152 -28.91 -8.42 -2.66
C LEU A 152 -29.12 -9.82 -3.23
N ALA A 153 -28.16 -10.33 -4.01
CA ALA A 153 -28.31 -11.65 -4.58
C ALA A 153 -28.26 -12.74 -3.52
N ALA A 154 -27.46 -12.57 -2.48
CA ALA A 154 -27.42 -13.55 -1.40
C ALA A 154 -28.68 -13.54 -0.56
N ASN A 155 -29.66 -12.70 -0.89
CA ASN A 155 -30.93 -12.64 -0.19
C ASN A 155 -30.77 -12.57 1.34
N PRO A 156 -30.14 -11.52 1.86
CA PRO A 156 -29.96 -11.40 3.30
C PRO A 156 -31.19 -10.81 3.96
N LYS A 157 -31.21 -10.89 5.28
CA LYS A 157 -32.27 -10.24 6.05
C LYS A 157 -31.94 -8.79 6.37
N PHE A 158 -30.68 -8.51 6.68
CA PHE A 158 -30.22 -7.17 7.02
C PHE A 158 -28.93 -6.88 6.26
N ILE A 159 -28.89 -5.75 5.57
CA ILE A 159 -27.74 -5.37 4.76
C ILE A 159 -27.07 -4.15 5.39
N LEU A 160 -25.75 -4.21 5.52
CA LEU A 160 -24.99 -3.18 6.22
C LEU A 160 -24.08 -2.49 5.23
N LEU A 161 -24.38 -1.22 4.94
CA LEU A 161 -23.56 -0.43 4.04
C LEU A 161 -22.44 0.23 4.83
N ASP A 162 -21.20 0.02 4.40
CA ASP A 162 -20.04 0.64 5.03
C ASP A 162 -19.67 1.88 4.23
N GLU A 163 -20.12 3.04 4.70
CA GLU A 163 -19.91 4.31 4.02
C GLU A 163 -20.31 4.26 2.54
N PRO A 164 -21.59 4.08 2.24
CA PRO A 164 -22.02 4.19 0.84
C PRO A 164 -21.83 5.57 0.28
N PHE A 165 -21.73 6.59 1.12
CA PHE A 165 -21.51 7.96 0.68
C PHE A 165 -20.05 8.37 0.77
N ALA A 166 -19.13 7.42 0.62
CA ALA A 166 -17.70 7.68 0.74
C ALA A 166 -17.19 8.27 -0.57
N GLY A 167 -16.73 9.52 -0.53
CA GLY A 167 -16.12 10.14 -1.69
C GLY A 167 -17.02 10.19 -2.90
N VAL A 168 -18.27 10.58 -2.70
CA VAL A 168 -19.26 10.66 -3.78
C VAL A 168 -19.72 12.10 -3.91
N ASP A 169 -19.92 12.54 -5.15
CA ASP A 169 -20.48 13.86 -5.38
C ASP A 169 -21.91 13.91 -4.85
N PRO A 170 -22.33 15.05 -4.28
CA PRO A 170 -23.68 15.13 -3.70
C PRO A 170 -24.83 15.02 -4.69
N ILE A 171 -24.56 15.01 -5.99
CA ILE A 171 -25.67 14.74 -6.92
C ILE A 171 -25.93 13.24 -7.01
N SER A 172 -24.92 12.41 -6.78
CA SER A 172 -25.12 10.97 -6.75
C SER A 172 -25.62 10.48 -5.40
N VAL A 173 -25.62 11.33 -4.38
CA VAL A 173 -26.18 10.94 -3.09
C VAL A 173 -27.65 10.59 -3.24
N ILE A 174 -28.34 11.21 -4.20
CA ILE A 174 -29.70 10.80 -4.51
C ILE A 174 -29.71 9.38 -5.06
N ASP A 175 -28.76 9.07 -5.94
CA ASP A 175 -28.67 7.72 -6.50
C ASP A 175 -28.33 6.70 -5.42
N ILE A 176 -27.34 7.01 -4.59
CA ILE A 176 -26.95 6.09 -3.52
C ILE A 176 -28.10 5.92 -2.53
N LYS A 177 -28.75 7.01 -2.15
CA LYS A 177 -29.91 6.91 -1.26
C LYS A 177 -31.04 6.15 -1.95
N ARG A 178 -31.21 6.34 -3.26
CA ARG A 178 -32.23 5.60 -3.99
C ARG A 178 -31.94 4.11 -3.95
N ILE A 179 -30.66 3.73 -4.06
CA ILE A 179 -30.30 2.32 -3.87
C ILE A 179 -30.64 1.88 -2.46
N ILE A 180 -30.40 2.75 -1.47
CA ILE A 180 -30.83 2.46 -0.10
C ILE A 180 -32.34 2.42 -0.01
N GLU A 181 -33.02 3.28 -0.78
CA GLU A 181 -34.47 3.32 -0.72
C GLU A 181 -35.09 2.01 -1.21
N HIS A 182 -34.49 1.38 -2.22
CA HIS A 182 -34.99 0.10 -2.67
C HIS A 182 -34.75 -0.98 -1.61
N LEU A 183 -33.63 -0.92 -0.91
CA LEU A 183 -33.35 -1.90 0.13
C LEU A 183 -34.38 -1.82 1.25
N ARG A 184 -34.78 -0.60 1.63
CA ARG A 184 -35.87 -0.48 2.61
C ARG A 184 -37.22 -0.75 1.98
N ASP A 185 -37.36 -0.51 0.67
CA ASP A 185 -38.60 -0.87 -0.02
C ASP A 185 -38.87 -2.36 0.08
N SER A 186 -37.84 -3.17 0.06
CA SER A 186 -37.97 -4.60 0.29
C SER A 186 -37.84 -4.90 1.79
N GLY A 187 -38.14 -6.14 2.15
CA GLY A 187 -38.04 -6.54 3.54
C GLY A 187 -36.60 -6.74 3.98
N LEU A 188 -35.83 -5.65 3.96
CA LEU A 188 -34.41 -5.67 4.27
C LEU A 188 -34.11 -4.64 5.34
N GLY A 189 -33.03 -4.86 6.08
CA GLY A 189 -32.64 -3.94 7.11
C GLY A 189 -31.31 -3.27 6.83
N VAL A 190 -31.35 -1.95 6.64
CA VAL A 190 -30.14 -1.21 6.30
C VAL A 190 -29.35 -0.88 7.55
N LEU A 191 -28.03 -0.68 7.38
CA LEU A 191 -27.18 -0.19 8.45
C LEU A 191 -26.04 0.58 7.79
N ILE A 192 -26.17 1.88 7.78
CA ILE A 192 -25.18 2.75 7.16
C ILE A 192 -24.15 3.14 8.21
N THR A 193 -22.89 3.32 7.83
CA THR A 193 -21.86 3.63 8.87
C THR A 193 -21.10 4.87 8.42
N ASP A 194 -21.60 5.53 7.39
CA ASP A 194 -20.97 6.73 6.79
C ASP A 194 -20.62 7.88 7.76
N HIS A 195 -19.45 8.50 7.58
CA HIS A 195 -19.16 9.65 8.43
C HIS A 195 -19.88 10.96 8.15
N ASN A 196 -20.41 11.13 6.94
CA ASN A 196 -21.12 12.36 6.57
C ASN A 196 -22.48 12.35 7.26
N VAL A 197 -22.49 12.77 8.53
CA VAL A 197 -23.71 12.71 9.32
C VAL A 197 -24.79 13.61 8.73
N ARG A 198 -24.40 14.65 8.00
CA ARG A 198 -25.40 15.55 7.42
C ARG A 198 -26.12 14.94 6.24
N GLU A 199 -25.58 13.88 5.64
CA GLU A 199 -26.21 13.20 4.52
C GLU A 199 -26.82 11.85 4.89
N THR A 200 -26.21 11.12 5.83
CA THR A 200 -26.77 9.84 6.24
C THR A 200 -28.07 10.03 7.03
N LEU A 201 -28.09 10.99 7.95
CA LEU A 201 -29.20 11.13 8.88
C LEU A 201 -30.50 11.51 8.19
N ALA A 202 -30.45 12.03 6.98
CA ALA A 202 -31.69 12.34 6.29
C ALA A 202 -32.39 11.11 5.73
N VAL A 203 -31.87 9.89 5.94
CA VAL A 203 -32.47 8.70 5.34
C VAL A 203 -32.92 7.73 6.43
N CYS A 204 -32.29 7.81 7.61
CA CYS A 204 -32.49 6.80 8.64
C CYS A 204 -33.72 7.10 9.48
N GLU A 205 -34.51 6.07 9.75
CA GLU A 205 -35.61 6.22 10.71
C GLU A 205 -35.07 6.52 12.11
N ARG A 206 -34.14 5.70 12.59
CA ARG A 206 -33.47 5.94 13.85
C ARG A 206 -32.00 5.59 13.69
N ALA A 207 -31.16 6.16 14.53
CA ALA A 207 -29.72 5.97 14.42
C ALA A 207 -29.11 5.82 15.80
N TYR A 208 -28.06 5.01 15.86
CA TYR A 208 -27.26 4.87 17.07
C TYR A 208 -25.93 5.57 16.83
N ILE A 209 -25.68 6.64 17.57
CA ILE A 209 -24.44 7.40 17.45
C ILE A 209 -23.53 7.01 18.61
N VAL A 210 -22.33 6.56 18.28
CA VAL A 210 -21.38 6.05 19.26
C VAL A 210 -20.24 7.04 19.39
N SER A 211 -19.73 7.21 20.60
CA SER A 211 -18.60 8.09 20.87
C SER A 211 -17.75 7.49 21.97
N GLN A 212 -16.44 7.69 21.85
CA GLN A 212 -15.43 7.30 22.84
C GLN A 212 -15.68 5.92 23.43
N GLY A 213 -16.22 5.00 22.63
CA GLY A 213 -16.41 3.63 23.06
C GLY A 213 -17.84 3.22 23.31
N HIS A 214 -18.64 4.11 23.88
CA HIS A 214 -20.01 3.79 24.25
C HIS A 214 -20.98 4.64 23.45
N LEU A 215 -22.04 4.01 22.94
CA LEU A 215 -23.07 4.76 22.26
C LEU A 215 -23.72 5.72 23.24
N ILE A 216 -24.00 6.93 22.76
CA ILE A 216 -24.63 7.94 23.59
C ILE A 216 -26.01 8.35 23.11
N ALA A 217 -26.31 8.21 21.82
CA ALA A 217 -27.58 8.64 21.26
C ALA A 217 -28.21 7.49 20.52
N HIS A 218 -29.50 7.24 20.78
CA HIS A 218 -30.24 6.19 20.11
C HIS A 218 -31.65 6.69 19.83
N GLY A 219 -32.02 6.70 18.56
CA GLY A 219 -33.34 7.13 18.15
C GLY A 219 -33.25 7.93 16.87
N THR A 220 -34.36 8.59 16.54
CA THR A 220 -34.44 9.34 15.30
C THR A 220 -33.49 10.53 15.34
N PRO A 221 -32.98 10.97 14.18
CA PRO A 221 -32.15 12.18 14.17
C PRO A 221 -32.87 13.38 14.73
N GLN A 222 -34.19 13.42 14.61
CA GLN A 222 -34.97 14.49 15.26
C GLN A 222 -34.76 14.46 16.77
N GLN A 223 -34.74 13.26 17.36
CA GLN A 223 -34.50 13.14 18.79
C GLN A 223 -33.05 13.46 19.14
N ILE A 224 -32.12 13.17 18.23
CA ILE A 224 -30.70 13.44 18.49
C ILE A 224 -30.46 14.93 18.69
N LEU A 225 -31.09 15.75 17.85
CA LEU A 225 -30.96 17.20 18.01
C LEU A 225 -31.49 17.68 19.35
N GLU A 226 -32.41 16.94 19.96
CA GLU A 226 -32.84 17.23 21.32
C GLU A 226 -31.85 16.72 22.36
N ASP A 227 -30.93 15.85 21.98
CA ASP A 227 -29.93 15.34 22.91
C ASP A 227 -28.84 16.38 23.13
N GLU A 228 -28.51 16.60 24.41
CA GLU A 228 -27.56 17.66 24.75
C GLU A 228 -26.12 17.29 24.45
N GLN A 229 -25.80 16.00 24.36
CA GLN A 229 -24.41 15.61 24.06
C GLN A 229 -23.98 16.12 22.69
N VAL A 230 -24.79 15.86 21.66
CA VAL A 230 -24.40 16.27 20.32
C VAL A 230 -24.65 17.77 20.12
N LYS A 231 -25.61 18.34 20.83
CA LYS A 231 -25.90 19.77 20.65
C LYS A 231 -24.89 20.65 21.38
N ARG A 232 -24.07 20.08 22.26
CA ARG A 232 -23.06 20.83 23.00
C ARG A 232 -21.63 20.38 22.74
N VAL A 233 -21.38 19.08 22.53
CA VAL A 233 -20.03 18.60 22.30
C VAL A 233 -19.78 18.23 20.84
N TYR A 234 -20.81 18.14 20.00
CA TYR A 234 -20.65 17.83 18.59
C TYR A 234 -20.81 19.07 17.71
N LEU A 235 -21.92 19.79 17.87
CA LEU A 235 -22.18 21.01 17.12
C LEU A 235 -21.72 22.25 17.88
N GLY A 236 -22.18 22.41 19.12
CA GLY A 236 -21.79 23.55 19.93
C GLY A 236 -22.95 24.22 20.65
N MET B 1 -3.75 41.99 -0.65
CA MET B 1 -2.53 42.53 -1.24
C MET B 1 -1.97 41.59 -2.29
N ALA B 2 -1.31 40.53 -1.84
CA ALA B 2 -0.76 39.53 -2.76
C ALA B 2 -1.89 38.72 -3.39
N THR B 3 -1.64 38.26 -4.61
CA THR B 3 -2.63 37.54 -5.39
C THR B 3 -2.03 36.28 -5.99
N LEU B 4 -2.74 35.17 -5.85
CA LEU B 4 -2.42 33.93 -6.57
C LEU B 4 -3.36 33.86 -7.77
N THR B 5 -2.82 34.12 -8.95
CA THR B 5 -3.62 34.18 -10.18
C THR B 5 -3.25 32.99 -11.05
N ALA B 6 -4.19 32.07 -11.23
CA ALA B 6 -4.03 30.92 -12.09
C ALA B 6 -4.94 31.07 -13.29
N LYS B 7 -4.35 31.07 -14.49
CA LYS B 7 -5.10 31.23 -15.73
C LYS B 7 -4.66 30.17 -16.73
N ASN B 8 -5.53 29.90 -17.72
CA ASN B 8 -5.21 29.01 -18.87
C ASN B 8 -4.74 27.61 -18.46
N LEU B 9 -4.87 27.23 -17.19
CA LEU B 9 -4.31 25.96 -16.76
C LEU B 9 -5.07 24.80 -17.40
N ALA B 10 -4.32 23.87 -17.98
CA ALA B 10 -4.92 22.70 -18.62
C ALA B 10 -3.85 21.63 -18.77
N LYS B 11 -4.30 20.38 -18.75
CA LYS B 11 -3.40 19.24 -18.85
C LYS B 11 -4.21 18.00 -19.23
N ALA B 12 -3.65 17.20 -20.12
CA ALA B 12 -4.28 15.98 -20.59
C ALA B 12 -3.45 14.78 -20.16
N TYR B 13 -4.07 13.86 -19.42
CA TYR B 13 -3.41 12.62 -19.04
C TYR B 13 -3.61 11.59 -20.14
N LYS B 14 -2.49 10.95 -20.55
CA LYS B 14 -2.46 9.91 -21.57
C LYS B 14 -3.09 10.38 -22.89
N GLY B 15 -3.33 11.68 -23.01
CA GLY B 15 -4.03 12.24 -24.14
C GLY B 15 -5.46 12.64 -23.84
N ARG B 16 -6.06 12.07 -22.79
CA ARG B 16 -7.42 12.43 -22.40
C ARG B 16 -7.40 13.77 -21.68
N ARG B 17 -8.23 14.69 -22.14
CA ARG B 17 -8.26 16.05 -21.58
C ARG B 17 -8.82 15.99 -20.17
N VAL B 18 -7.94 15.98 -19.18
CA VAL B 18 -8.38 15.97 -17.78
C VAL B 18 -8.98 17.31 -17.41
N VAL B 19 -8.32 18.41 -17.77
CA VAL B 19 -8.78 19.75 -17.42
C VAL B 19 -8.50 20.68 -18.60
N GLU B 20 -9.45 21.56 -18.89
CA GLU B 20 -9.28 22.58 -19.91
C GLU B 20 -9.01 23.92 -19.23
N ASP B 21 -9.01 24.99 -20.03
CA ASP B 21 -8.71 26.33 -19.54
C ASP B 21 -9.49 26.66 -18.28
N VAL B 22 -8.80 26.84 -17.18
CA VAL B 22 -9.40 27.25 -15.91
C VAL B 22 -8.72 28.53 -15.46
N SER B 23 -9.52 29.56 -15.18
CA SER B 23 -9.02 30.85 -14.70
C SER B 23 -9.52 31.05 -13.28
N LEU B 24 -8.65 30.84 -12.30
CA LEU B 24 -9.00 31.01 -10.90
C LEU B 24 -7.99 31.94 -10.24
N THR B 25 -8.50 32.96 -9.55
CA THR B 25 -7.67 33.96 -8.90
C THR B 25 -8.06 34.06 -7.43
N VAL B 26 -7.06 34.13 -6.57
CA VAL B 26 -7.29 34.26 -5.13
C VAL B 26 -6.27 35.26 -4.58
N ASN B 27 -6.75 36.22 -3.80
CA ASN B 27 -5.92 37.26 -3.22
C ASN B 27 -5.81 37.03 -1.71
N SER B 28 -4.92 37.79 -1.08
CA SER B 28 -4.77 37.72 0.36
C SER B 28 -6.08 38.09 1.05
N GLY B 29 -6.40 37.39 2.13
CA GLY B 29 -7.64 37.62 2.81
C GLY B 29 -8.86 37.14 2.06
N GLU B 30 -8.69 36.18 1.16
CA GLU B 30 -9.80 35.56 0.45
C GLU B 30 -9.65 34.05 0.51
N ILE B 31 -10.77 33.36 0.70
CA ILE B 31 -10.79 31.90 0.84
C ILE B 31 -11.60 31.34 -0.30
N VAL B 32 -10.95 30.64 -1.23
CA VAL B 32 -11.55 30.14 -2.44
C VAL B 32 -11.53 28.63 -2.42
N GLY B 33 -12.69 28.01 -2.59
CA GLY B 33 -12.76 26.57 -2.67
C GLY B 33 -12.52 26.05 -4.07
N LEU B 34 -12.08 24.81 -4.15
CA LEU B 34 -11.83 24.11 -5.42
C LEU B 34 -12.67 22.85 -5.38
N LEU B 35 -13.94 22.98 -5.79
CA LEU B 35 -14.93 21.95 -5.58
C LEU B 35 -15.48 21.47 -6.93
N GLY B 36 -16.34 20.45 -6.86
CA GLY B 36 -16.88 19.82 -8.04
C GLY B 36 -16.94 18.32 -7.91
N PRO B 37 -17.50 17.63 -8.91
CA PRO B 37 -17.46 16.17 -8.89
C PRO B 37 -16.03 15.67 -8.86
N ASN B 38 -15.81 14.59 -8.10
CA ASN B 38 -14.47 14.06 -7.92
C ASN B 38 -13.93 13.52 -9.24
N GLY B 39 -12.68 13.86 -9.54
CA GLY B 39 -12.02 13.42 -10.74
C GLY B 39 -12.25 14.30 -11.95
N ALA B 40 -13.30 15.12 -11.95
CA ALA B 40 -13.58 15.99 -13.08
C ALA B 40 -12.48 17.02 -13.28
N GLY B 41 -12.39 17.98 -12.36
CA GLY B 41 -11.30 18.94 -12.42
C GLY B 41 -10.45 19.06 -11.17
N LYS B 42 -10.95 18.59 -10.04
CA LYS B 42 -10.24 18.75 -8.79
C LYS B 42 -9.23 17.61 -8.73
N THR B 43 -8.30 17.72 -7.79
CA THR B 43 -7.22 16.78 -7.55
C THR B 43 -6.24 16.73 -8.71
N THR B 44 -6.52 17.42 -9.80
CA THR B 44 -5.58 17.59 -10.90
C THR B 44 -5.38 19.06 -11.26
N THR B 45 -6.45 19.86 -11.29
CA THR B 45 -6.24 21.31 -11.53
C THR B 45 -5.71 21.95 -10.25
N PHE B 46 -6.19 21.51 -9.08
CA PHE B 46 -5.75 22.15 -7.85
C PHE B 46 -4.25 21.92 -7.63
N TYR B 47 -3.78 20.70 -7.86
CA TYR B 47 -2.38 20.39 -7.60
C TYR B 47 -1.46 21.22 -8.48
N MET B 48 -1.86 21.45 -9.74
CA MET B 48 -1.03 22.27 -10.62
C MET B 48 -0.95 23.71 -10.15
N VAL B 49 -2.00 24.19 -9.48
CA VAL B 49 -1.89 25.48 -8.81
C VAL B 49 -0.81 25.42 -7.74
N VAL B 50 -0.74 24.29 -7.03
CA VAL B 50 0.34 24.09 -6.07
C VAL B 50 1.65 23.77 -6.79
N GLY B 51 1.62 22.78 -7.68
CA GLY B 51 2.80 22.47 -8.46
C GLY B 51 3.23 21.02 -8.37
N ILE B 52 2.54 20.23 -7.56
CA ILE B 52 2.91 18.83 -7.38
C ILE B 52 2.82 18.08 -8.71
N VAL B 53 1.63 18.02 -9.29
CA VAL B 53 1.44 17.43 -10.61
C VAL B 53 1.84 18.47 -11.64
N PRO B 54 2.78 18.16 -12.54
CA PRO B 54 3.26 19.18 -13.48
C PRO B 54 2.15 19.66 -14.40
N ARG B 55 2.23 20.94 -14.76
CA ARG B 55 1.24 21.55 -15.63
C ARG B 55 1.64 21.38 -17.09
N ASP B 56 0.66 21.12 -17.94
CA ASP B 56 0.92 21.00 -19.37
C ASP B 56 0.73 22.32 -20.11
N ALA B 57 -0.26 23.10 -19.71
CA ALA B 57 -0.50 24.40 -20.32
C ALA B 57 -1.04 25.34 -19.25
N GLY B 58 -0.81 26.63 -19.44
CA GLY B 58 -1.28 27.65 -18.53
C GLY B 58 -0.14 28.44 -17.93
N ASN B 59 -0.51 29.36 -17.04
CA ASN B 59 0.46 30.26 -16.43
C ASN B 59 -0.06 30.67 -15.07
N ILE B 60 0.81 30.59 -14.06
CA ILE B 60 0.48 30.98 -12.69
C ILE B 60 1.36 32.15 -12.31
N ILE B 61 0.74 33.19 -11.76
CA ILE B 61 1.43 34.44 -11.44
C ILE B 61 1.11 34.83 -10.01
N ILE B 62 2.13 34.87 -9.15
CA ILE B 62 1.93 35.42 -7.78
C ILE B 62 2.94 36.56 -7.60
N ASP B 63 2.57 37.58 -6.83
CA ASP B 63 3.44 38.77 -6.58
C ASP B 63 3.96 39.25 -7.94
N ASP B 64 3.08 39.31 -8.93
CA ASP B 64 3.46 39.78 -10.27
C ASP B 64 4.74 39.08 -10.75
N GLU B 65 4.84 37.78 -10.47
CA GLU B 65 5.96 36.97 -10.93
C GLU B 65 5.47 35.57 -11.26
N ASP B 66 5.86 35.08 -12.43
CA ASP B 66 5.42 33.76 -12.88
C ASP B 66 6.16 32.66 -12.13
N ILE B 67 5.41 31.66 -11.68
CA ILE B 67 5.96 30.49 -11.00
C ILE B 67 5.51 29.18 -11.64
N SER B 68 4.79 29.24 -12.77
CA SER B 68 4.13 28.05 -13.29
C SER B 68 5.12 26.93 -13.59
N LEU B 69 6.31 27.28 -14.10
CA LEU B 69 7.28 26.26 -14.44
C LEU B 69 7.93 25.67 -13.19
N LEU B 70 8.20 26.50 -12.19
CA LEU B 70 9.01 26.07 -11.06
C LEU B 70 8.22 25.12 -10.15
N PRO B 71 8.76 23.96 -9.80
CA PRO B 71 8.12 23.10 -8.81
C PRO B 71 8.27 23.64 -7.40
N LEU B 72 7.85 22.86 -6.40
CA LEU B 72 7.89 23.31 -5.01
C LEU B 72 9.29 23.67 -4.54
N HIS B 73 10.33 23.28 -5.27
CA HIS B 73 11.69 23.71 -4.94
C HIS B 73 11.76 25.23 -4.87
N ALA B 74 11.08 25.92 -5.79
CA ALA B 74 10.94 27.37 -5.74
C ALA B 74 9.51 27.84 -5.63
N ARG B 75 8.53 27.04 -6.06
CA ARG B 75 7.13 27.44 -5.91
C ARG B 75 6.76 27.58 -4.45
N ALA B 76 7.22 26.65 -3.62
CA ALA B 76 6.97 26.73 -2.18
C ALA B 76 7.89 27.71 -1.49
N ARG B 77 9.05 28.00 -2.08
CA ARG B 77 9.98 28.93 -1.46
C ARG B 77 9.49 30.37 -1.58
N ARG B 78 8.71 30.68 -2.61
CA ARG B 78 8.32 32.07 -2.83
C ARG B 78 7.00 32.41 -2.14
N GLY B 79 5.90 31.86 -2.62
CA GLY B 79 4.61 32.29 -2.13
C GLY B 79 3.50 31.26 -2.06
N ILE B 80 3.81 29.97 -2.05
CA ILE B 80 2.79 28.92 -2.13
C ILE B 80 2.99 27.94 -1.00
N GLY B 81 1.94 27.73 -0.21
CA GLY B 81 1.97 26.77 0.88
C GLY B 81 0.93 25.69 0.71
N TYR B 82 1.36 24.44 0.64
CA TYR B 82 0.48 23.31 0.41
C TYR B 82 0.45 22.42 1.64
N LEU B 83 -0.74 21.96 2.02
CA LEU B 83 -0.89 21.03 3.14
C LEU B 83 -1.68 19.82 2.65
N PRO B 84 -1.10 18.63 2.65
CA PRO B 84 -1.79 17.46 2.11
C PRO B 84 -2.95 17.03 2.99
N GLN B 85 -3.81 16.16 2.44
CA GLN B 85 -5.01 15.67 3.19
C GLN B 85 -4.61 14.66 4.26
N GLU B 86 -3.55 13.88 3.99
CA GLU B 86 -3.17 12.84 4.94
C GLU B 86 -2.25 13.44 6.00
N ALA B 87 -1.57 12.53 6.73
CA ALA B 87 -0.66 12.89 7.84
C ALA B 87 0.74 13.39 7.45
N SER B 88 0.83 14.56 6.82
CA SER B 88 2.15 15.11 6.42
C SER B 88 3.03 15.51 7.62
N ILE B 89 2.48 15.55 8.84
CA ILE B 89 3.27 15.87 10.08
C ILE B 89 4.46 14.90 10.17
N PHE B 90 5.64 15.40 10.52
CA PHE B 90 6.85 14.58 10.55
C PHE B 90 6.73 13.56 11.68
N ARG B 91 6.47 12.31 11.33
CA ARG B 91 6.03 11.33 12.31
C ARG B 91 7.10 11.07 13.38
N ARG B 92 8.35 10.92 12.96
CA ARG B 92 9.43 10.56 13.87
C ARG B 92 10.23 11.77 14.33
N LEU B 93 9.59 12.93 14.47
CA LEU B 93 10.27 14.13 14.91
C LEU B 93 9.40 14.87 15.92
N SER B 94 10.07 15.61 16.82
CA SER B 94 9.35 16.37 17.89
C SER B 94 8.79 17.69 17.35
N VAL B 95 7.80 18.26 18.04
CA VAL B 95 7.16 19.53 17.58
C VAL B 95 8.14 20.71 17.62
N TYR B 96 8.99 20.84 18.65
CA TYR B 96 9.89 22.02 18.61
C TYR B 96 11.04 21.77 17.63
N ASP B 97 11.07 20.59 17.00
CA ASP B 97 12.07 20.31 15.99
C ASP B 97 11.49 20.39 14.59
N ASN B 98 10.26 19.91 14.40
CA ASN B 98 9.66 19.92 13.07
C ASN B 98 9.19 21.31 12.67
N LEU B 99 8.68 22.09 13.64
CA LEU B 99 8.30 23.46 13.34
C LEU B 99 9.50 24.25 12.81
N MET B 100 10.61 24.22 13.54
CA MET B 100 11.80 24.92 13.09
C MET B 100 12.37 24.30 11.83
N ALA B 101 12.13 23.00 11.60
CA ALA B 101 12.76 22.30 10.49
C ALA B 101 12.45 22.99 9.17
N VAL B 102 11.17 23.29 8.92
CA VAL B 102 10.82 24.07 7.74
C VAL B 102 10.88 25.56 8.03
N LEU B 103 10.96 25.95 9.30
CA LEU B 103 11.17 27.35 9.63
C LEU B 103 12.62 27.78 9.42
N GLN B 104 13.56 26.83 9.49
CA GLN B 104 14.97 27.17 9.37
C GLN B 104 15.52 26.95 7.97
N ILE B 105 14.73 26.40 7.05
CA ILE B 105 15.21 26.28 5.67
C ILE B 105 15.24 27.65 5.01
N ARG B 106 14.25 28.48 5.28
CA ARG B 106 14.18 29.80 4.67
C ARG B 106 15.29 30.69 5.22
N ASP B 107 16.25 31.05 4.37
CA ASP B 107 17.38 31.85 4.81
C ASP B 107 16.97 33.27 5.18
N ASP B 108 15.82 33.75 4.71
CA ASP B 108 15.38 35.13 4.94
C ASP B 108 14.80 35.28 6.35
N LEU B 109 15.64 35.00 7.34
CA LEU B 109 15.27 35.19 8.74
C LEU B 109 16.49 35.10 9.64
N THR B 110 16.71 36.07 10.53
CA THR B 110 17.83 35.99 11.52
C THR B 110 17.62 34.77 12.43
N SER B 111 18.68 34.07 12.81
CA SER B 111 18.59 32.84 13.65
C SER B 111 17.94 33.14 15.00
N GLU B 112 18.24 34.31 15.57
CA GLU B 112 17.65 34.70 16.88
C GLU B 112 16.14 34.84 16.73
N GLN B 113 15.67 35.34 15.59
CA GLN B 113 14.21 35.43 15.37
C GLN B 113 13.71 34.06 14.88
N ARG B 114 14.59 33.28 14.26
CA ARG B 114 14.26 31.92 13.84
C ARG B 114 13.86 31.05 15.03
N GLU B 115 14.68 31.07 16.08
CA GLU B 115 14.31 30.37 17.30
C GLU B 115 13.15 31.03 18.00
N ASP B 116 12.99 32.36 17.83
CA ASP B 116 11.92 33.07 18.50
C ASP B 116 10.57 32.77 17.87
N ARG B 117 10.50 32.81 16.53
CA ARG B 117 9.21 32.70 15.86
C ARG B 117 8.56 31.34 16.12
N ALA B 118 9.35 30.27 16.12
CA ALA B 118 8.80 28.96 16.44
C ALA B 118 8.13 28.96 17.80
N LYS B 119 8.74 29.64 18.78
CA LYS B 119 8.07 29.81 20.07
C LYS B 119 6.80 30.63 19.92
N GLU B 120 6.85 31.66 19.07
CA GLU B 120 5.69 32.57 18.82
C GLU B 120 4.65 31.90 17.90
N LEU B 121 5.09 31.06 16.97
CA LEU B 121 4.18 30.34 16.09
C LEU B 121 3.52 29.17 16.81
N MET B 122 4.28 28.48 17.65
CA MET B 122 3.74 27.35 18.39
C MET B 122 2.64 27.79 19.35
N GLU B 123 2.81 28.93 20.00
CA GLU B 123 1.78 29.43 20.91
C GLU B 123 0.56 29.94 20.16
N GLU B 124 0.74 30.35 18.89
CA GLU B 124 -0.35 30.93 18.13
C GLU B 124 -1.53 29.97 18.00
N PHE B 125 -1.25 28.70 17.69
CA PHE B 125 -2.30 27.72 17.47
C PHE B 125 -2.56 26.87 18.70
N HIS B 126 -2.14 27.34 19.88
CA HIS B 126 -2.30 26.60 21.14
C HIS B 126 -1.61 25.24 21.06
N ILE B 127 -0.32 25.29 20.75
CA ILE B 127 0.54 24.11 20.73
C ILE B 127 1.66 24.21 21.75
N GLU B 128 1.60 25.21 22.64
CA GLU B 128 2.69 25.40 23.60
C GLU B 128 2.86 24.17 24.49
N HIS B 129 1.76 23.60 24.97
CA HIS B 129 1.84 22.41 25.82
C HIS B 129 2.37 21.19 25.07
N LEU B 130 2.24 21.30 23.75
CA LEU B 130 2.77 20.25 22.87
C LEU B 130 4.11 20.77 22.34
N ARG B 131 5.03 21.15 23.23
CA ARG B 131 6.40 21.64 22.87
C ARG B 131 7.46 20.78 22.21
N ASP B 132 7.78 19.66 22.85
CA ASP B 132 8.80 18.77 22.30
C ASP B 132 7.94 17.52 22.17
N SER B 133 6.63 17.65 22.36
CA SER B 133 5.85 16.44 22.09
C SER B 133 6.25 15.81 20.77
N LEU B 134 6.75 14.59 20.82
CA LEU B 134 7.12 13.87 19.61
C LEU B 134 5.91 13.70 18.71
N GLY B 135 6.15 13.74 17.39
CA GLY B 135 5.11 13.46 16.43
C GLY B 135 4.63 12.04 16.57
N GLN B 136 3.57 11.66 15.85
CA GLN B 136 2.90 10.36 15.94
C GLN B 136 2.21 10.17 17.29
N ALA B 137 2.42 11.09 18.24
CA ALA B 137 1.76 11.04 19.53
C ALA B 137 0.59 12.01 19.60
N LEU B 138 0.15 12.54 18.46
CA LEU B 138 -0.91 13.53 18.40
C LEU B 138 -2.13 12.94 17.70
N SER B 139 -3.29 13.39 18.14
CA SER B 139 -4.55 12.95 17.48
C SER B 139 -4.68 13.65 16.14
N GLY B 140 -5.60 13.19 15.29
CA GLY B 140 -5.88 13.87 14.01
C GLY B 140 -6.39 15.27 14.25
N GLY B 141 -7.07 15.50 15.38
CA GLY B 141 -7.53 16.86 15.73
C GLY B 141 -6.38 17.84 15.92
N GLU B 142 -5.28 17.39 16.53
CA GLU B 142 -4.09 18.25 16.70
C GLU B 142 -3.08 18.04 15.56
N ARG B 143 -3.23 16.94 14.82
CA ARG B 143 -2.32 16.66 13.69
C ARG B 143 -2.35 17.93 12.85
N ARG B 144 -3.52 18.56 12.80
CA ARG B 144 -3.70 19.76 11.95
C ARG B 144 -3.09 20.97 12.64
N ARG B 145 -3.23 21.12 13.96
CA ARG B 145 -2.60 22.34 14.52
C ARG B 145 -1.13 22.41 14.13
N VAL B 146 -0.39 21.30 14.20
CA VAL B 146 1.04 21.30 13.89
C VAL B 146 1.25 21.26 12.39
N GLU B 147 0.40 20.53 11.67
CA GLU B 147 0.56 20.44 10.22
C GLU B 147 0.42 21.82 9.57
N ILE B 148 -0.62 22.56 9.95
CA ILE B 148 -0.80 23.91 9.44
C ILE B 148 0.30 24.83 9.97
N ALA B 149 0.60 24.72 11.27
CA ALA B 149 1.65 25.54 11.87
C ALA B 149 2.97 25.35 11.13
N ARG B 150 3.29 24.11 10.76
CA ARG B 150 4.51 23.88 10.00
C ARG B 150 4.44 24.52 8.62
N ALA B 151 3.36 24.25 7.88
CA ALA B 151 3.22 24.84 6.57
C ALA B 151 3.12 26.36 6.62
N LEU B 152 2.72 26.91 7.77
CA LEU B 152 2.78 28.35 7.96
C LEU B 152 4.20 28.84 8.21
N ALA B 153 5.10 27.96 8.66
CA ALA B 153 6.46 28.37 8.97
C ALA B 153 7.33 28.39 7.73
N ALA B 154 6.87 29.06 6.69
CA ALA B 154 7.68 29.33 5.52
C ALA B 154 7.38 30.71 4.93
N ASN B 155 6.69 31.56 5.68
CA ASN B 155 6.11 32.79 5.16
C ASN B 155 5.38 32.57 3.83
N PRO B 156 4.46 31.61 3.76
CA PRO B 156 3.79 31.33 2.49
C PRO B 156 2.50 32.10 2.34
N LYS B 157 2.28 32.62 1.14
CA LYS B 157 1.00 33.20 0.80
C LYS B 157 0.09 32.13 0.19
N PHE B 158 -1.21 32.38 0.24
CA PHE B 158 -2.21 31.52 -0.39
C PHE B 158 -2.02 30.06 0.03
N ILE B 159 -2.20 29.82 1.32
CA ILE B 159 -2.01 28.48 1.86
C ILE B 159 -3.11 27.58 1.29
N LEU B 160 -2.75 26.71 0.37
CA LEU B 160 -3.71 25.81 -0.25
C LEU B 160 -3.86 24.57 0.62
N LEU B 161 -5.00 24.43 1.28
CA LEU B 161 -5.31 23.24 2.05
C LEU B 161 -5.91 22.19 1.13
N ASP B 162 -5.39 20.98 1.18
CA ASP B 162 -5.83 19.88 0.34
C ASP B 162 -6.74 18.99 1.17
N GLU B 163 -8.05 19.10 0.95
CA GLU B 163 -9.05 18.31 1.64
C GLU B 163 -8.86 18.39 3.14
N PRO B 164 -9.07 19.55 3.76
CA PRO B 164 -8.93 19.63 5.22
C PRO B 164 -9.89 18.71 5.94
N PHE B 165 -11.05 18.44 5.36
CA PHE B 165 -12.08 17.62 5.99
C PHE B 165 -11.98 16.18 5.50
N ALA B 166 -10.86 15.54 5.83
CA ALA B 166 -10.67 14.12 5.55
C ALA B 166 -11.18 13.25 6.70
N GLY B 167 -10.69 13.50 7.90
CA GLY B 167 -11.24 12.88 9.10
C GLY B 167 -12.45 13.65 9.57
N VAL B 168 -13.58 13.46 8.88
CA VAL B 168 -14.74 14.30 9.08
C VAL B 168 -15.39 13.98 10.43
N ASP B 169 -15.08 14.78 11.43
CA ASP B 169 -15.82 14.82 12.68
C ASP B 169 -16.40 16.21 12.81
N PRO B 170 -17.72 16.36 12.89
CA PRO B 170 -18.32 17.70 12.81
C PRO B 170 -17.91 18.65 13.92
N ILE B 171 -17.08 18.19 14.87
CA ILE B 171 -16.49 19.11 15.84
C ILE B 171 -15.11 19.50 15.34
N SER B 172 -14.48 18.61 14.55
CA SER B 172 -13.24 18.97 13.89
C SER B 172 -13.50 19.98 12.77
N VAL B 173 -14.66 19.88 12.11
CA VAL B 173 -15.00 20.86 11.08
C VAL B 173 -15.07 22.27 11.68
N ILE B 174 -15.64 22.39 12.87
CA ILE B 174 -15.69 23.69 13.52
C ILE B 174 -14.28 24.15 13.89
N ASP B 175 -13.45 23.24 14.38
CA ASP B 175 -12.08 23.60 14.76
C ASP B 175 -11.27 24.02 13.54
N ILE B 176 -11.36 23.25 12.45
CA ILE B 176 -10.57 23.54 11.27
C ILE B 176 -10.94 24.90 10.69
N LYS B 177 -12.24 25.22 10.67
CA LYS B 177 -12.64 26.54 10.19
C LYS B 177 -12.02 27.64 11.03
N ARG B 178 -11.90 27.42 12.34
CA ARG B 178 -11.35 28.46 13.21
C ARG B 178 -9.89 28.76 12.87
N ILE B 179 -9.08 27.72 12.67
CA ILE B 179 -7.67 27.96 12.36
C ILE B 179 -7.52 28.50 10.94
N ILE B 180 -8.43 28.14 10.03
CA ILE B 180 -8.40 28.74 8.70
C ILE B 180 -8.71 30.23 8.79
N GLU B 181 -9.58 30.63 9.72
CA GLU B 181 -9.83 32.05 9.93
C GLU B 181 -8.54 32.78 10.27
N HIS B 182 -7.70 32.18 11.12
CA HIS B 182 -6.42 32.79 11.44
C HIS B 182 -5.56 32.93 10.20
N LEU B 183 -5.52 31.89 9.36
CA LEU B 183 -4.76 31.98 8.11
C LEU B 183 -5.29 33.09 7.22
N ARG B 184 -6.62 33.22 7.12
CA ARG B 184 -7.19 34.36 6.44
C ARG B 184 -6.84 35.66 7.17
N ASP B 185 -6.94 35.64 8.51
CA ASP B 185 -6.51 36.80 9.29
C ASP B 185 -5.01 37.03 9.19
N SER B 186 -4.25 36.02 8.78
CA SER B 186 -2.82 36.18 8.59
C SER B 186 -2.46 36.88 7.29
N GLY B 187 -3.43 37.52 6.65
CA GLY B 187 -3.16 38.18 5.39
C GLY B 187 -2.75 37.25 4.28
N LEU B 188 -3.34 36.05 4.24
CA LEU B 188 -3.02 35.04 3.25
C LEU B 188 -4.28 34.65 2.51
N GLY B 189 -4.14 34.34 1.22
CA GLY B 189 -5.18 33.62 0.53
C GLY B 189 -5.33 32.21 1.05
N VAL B 190 -6.49 31.62 0.80
CA VAL B 190 -6.74 30.23 1.16
C VAL B 190 -7.39 29.55 -0.03
N LEU B 191 -7.00 28.31 -0.28
CA LEU B 191 -7.55 27.54 -1.38
C LEU B 191 -7.85 26.13 -0.86
N ILE B 192 -9.13 25.82 -0.70
CA ILE B 192 -9.58 24.56 -0.14
C ILE B 192 -10.11 23.69 -1.27
N THR B 193 -9.88 22.39 -1.16
CA THR B 193 -10.38 21.41 -2.13
C THR B 193 -11.05 20.25 -1.42
N ASP B 194 -11.88 20.56 -0.44
CA ASP B 194 -12.51 19.53 0.38
C ASP B 194 -13.58 18.77 -0.42
N HIS B 195 -13.78 17.50 -0.04
CA HIS B 195 -14.74 16.65 -0.73
C HIS B 195 -16.15 17.17 -0.59
N ASN B 196 -16.61 17.37 0.64
CA ASN B 196 -17.99 17.76 0.88
C ASN B 196 -18.22 19.19 0.38
N VAL B 197 -19.46 19.44 -0.03
CA VAL B 197 -19.81 20.77 -0.52
C VAL B 197 -20.45 21.62 0.57
N ARG B 198 -21.29 21.03 1.41
CA ARG B 198 -22.15 21.82 2.29
C ARG B 198 -21.37 22.51 3.42
N GLU B 199 -20.18 22.04 3.76
CA GLU B 199 -19.43 22.63 4.85
C GLU B 199 -18.34 23.59 4.37
N THR B 200 -17.69 23.31 3.24
CA THR B 200 -16.67 24.20 2.73
C THR B 200 -17.23 25.58 2.41
N LEU B 201 -18.41 25.62 1.78
CA LEU B 201 -19.03 26.90 1.47
C LEU B 201 -19.38 27.71 2.70
N ALA B 202 -19.50 27.05 3.86
CA ALA B 202 -19.73 27.77 5.11
C ALA B 202 -18.51 28.56 5.57
N VAL B 203 -17.35 28.38 4.93
CA VAL B 203 -16.14 29.06 5.37
C VAL B 203 -15.50 29.78 4.18
N CYS B 204 -15.93 29.46 2.97
CA CYS B 204 -15.35 30.04 1.77
C CYS B 204 -16.11 31.30 1.35
N GLU B 205 -15.38 32.40 1.18
CA GLU B 205 -15.99 33.61 0.62
C GLU B 205 -16.28 33.44 -0.87
N ARG B 206 -15.38 32.76 -1.59
CA ARG B 206 -15.58 32.41 -2.98
C ARG B 206 -15.27 30.94 -3.15
N ALA B 207 -15.68 30.38 -4.29
CA ALA B 207 -15.47 28.96 -4.54
C ALA B 207 -15.42 28.72 -6.03
N TYR B 208 -14.26 28.34 -6.54
CA TYR B 208 -14.13 27.95 -7.95
C TYR B 208 -14.47 26.48 -8.09
N ILE B 209 -15.61 26.18 -8.70
CA ILE B 209 -16.07 24.82 -8.90
C ILE B 209 -15.74 24.40 -10.32
N VAL B 210 -15.06 23.28 -10.47
CA VAL B 210 -14.64 22.78 -11.77
C VAL B 210 -15.28 21.41 -11.99
N SER B 211 -16.02 21.28 -13.08
CA SER B 211 -16.69 20.03 -13.43
C SER B 211 -16.51 19.76 -14.92
N GLN B 212 -16.50 18.48 -15.28
CA GLN B 212 -16.29 18.05 -16.66
C GLN B 212 -14.97 18.55 -17.22
N GLY B 213 -13.98 18.75 -16.34
CA GLY B 213 -12.70 19.27 -16.77
C GLY B 213 -12.68 20.76 -17.10
N HIS B 214 -13.80 21.43 -17.00
CA HIS B 214 -13.92 22.85 -17.33
C HIS B 214 -14.47 23.59 -16.13
N LEU B 215 -13.79 24.68 -15.73
CA LEU B 215 -14.27 25.43 -14.58
C LEU B 215 -15.66 25.97 -14.86
N ILE B 216 -16.55 25.81 -13.89
CA ILE B 216 -17.95 26.15 -14.09
C ILE B 216 -18.42 27.30 -13.21
N ALA B 217 -17.98 27.38 -11.96
CA ALA B 217 -18.56 28.34 -11.02
C ALA B 217 -17.46 29.11 -10.32
N HIS B 218 -17.86 30.25 -9.74
CA HIS B 218 -16.97 31.13 -9.01
C HIS B 218 -17.80 32.17 -8.29
N GLY B 219 -17.40 32.50 -7.06
CA GLY B 219 -18.00 33.59 -6.32
C GLY B 219 -18.68 33.14 -5.04
N THR B 220 -19.62 33.98 -4.59
CA THR B 220 -20.26 33.79 -3.31
C THR B 220 -21.04 32.47 -3.29
N PRO B 221 -21.07 31.75 -2.16
CA PRO B 221 -21.91 30.55 -2.09
C PRO B 221 -23.37 30.82 -2.43
N GLN B 222 -23.90 31.99 -2.06
CA GLN B 222 -25.25 32.34 -2.46
C GLN B 222 -25.36 32.43 -3.97
N GLN B 223 -24.34 32.97 -4.63
CA GLN B 223 -24.31 32.99 -6.08
C GLN B 223 -24.24 31.58 -6.67
N ILE B 224 -23.64 30.65 -5.94
CA ILE B 224 -23.46 29.29 -6.47
C ILE B 224 -24.78 28.56 -6.58
N LEU B 225 -25.61 28.64 -5.53
CA LEU B 225 -26.82 27.82 -5.48
C LEU B 225 -27.83 28.23 -6.55
N GLU B 226 -27.83 29.49 -6.97
CA GLU B 226 -28.78 29.94 -7.98
C GLU B 226 -28.36 29.61 -9.40
N ASP B 227 -27.14 29.12 -9.59
CA ASP B 227 -26.68 28.74 -10.93
C ASP B 227 -27.16 27.34 -11.26
N GLU B 228 -27.74 27.18 -12.44
CA GLU B 228 -28.30 25.89 -12.83
C GLU B 228 -27.22 24.90 -13.24
N GLN B 229 -26.17 25.37 -13.93
CA GLN B 229 -25.17 24.46 -14.49
C GLN B 229 -24.44 23.70 -13.39
N VAL B 230 -24.07 24.39 -12.31
CA VAL B 230 -23.42 23.71 -11.20
C VAL B 230 -24.40 22.83 -10.45
N LYS B 231 -25.64 23.32 -10.26
CA LYS B 231 -26.60 22.58 -9.44
C LYS B 231 -26.97 21.25 -10.07
N ARG B 232 -27.21 21.24 -11.39
CA ARG B 232 -27.64 20.02 -12.04
C ARG B 232 -26.51 18.99 -12.18
N VAL B 233 -25.26 19.38 -11.98
CA VAL B 233 -24.14 18.46 -12.08
C VAL B 233 -23.46 18.20 -10.75
N TYR B 234 -23.64 19.06 -9.75
CA TYR B 234 -22.97 18.87 -8.47
C TYR B 234 -23.94 18.63 -7.33
N LEU B 235 -24.89 19.53 -7.08
CA LEU B 235 -25.79 19.40 -5.94
C LEU B 235 -27.12 18.76 -6.32
N GLY B 236 -27.86 19.36 -7.23
CA GLY B 236 -29.21 18.92 -7.49
C GLY B 236 -30.14 19.13 -6.30
N GLU B 237 -30.01 20.26 -5.62
CA GLU B 237 -30.79 20.58 -4.42
C GLU B 237 -30.56 19.53 -3.33
N ILE C 2 18.57 20.61 12.05
CA ILE C 2 18.00 20.62 10.70
C ILE C 2 17.05 19.45 10.55
N ILE C 3 16.20 19.52 9.54
CA ILE C 3 15.38 18.36 9.18
C ILE C 3 16.26 17.27 8.58
N ILE C 4 17.36 17.66 7.95
CA ILE C 4 18.27 16.68 7.36
C ILE C 4 18.73 15.68 8.40
N ARG C 5 19.05 16.16 9.60
CA ARG C 5 19.44 15.25 10.68
C ARG C 5 18.32 14.26 11.00
N TYR C 6 17.07 14.72 10.94
CA TYR C 6 15.95 13.80 11.12
C TYR C 6 15.85 12.82 9.96
N LEU C 7 16.06 13.29 8.73
CA LEU C 7 15.98 12.41 7.57
C LEU C 7 16.98 11.28 7.69
N VAL C 8 18.20 11.57 8.12
CA VAL C 8 19.20 10.54 8.33
C VAL C 8 18.80 9.65 9.50
N ARG C 9 18.39 10.26 10.62
CA ARG C 9 18.11 9.48 11.82
C ARG C 9 16.97 8.50 11.58
N GLU C 10 15.97 8.90 10.79
CA GLU C 10 14.94 7.96 10.38
C GLU C 10 15.51 6.90 9.45
N THR C 11 16.30 7.33 8.46
CA THR C 11 16.89 6.38 7.51
C THR C 11 17.88 5.45 8.21
N LEU C 12 18.76 6.02 9.04
CA LEU C 12 19.75 5.19 9.73
C LEU C 12 19.08 4.19 10.65
N LYS C 13 18.04 4.62 11.37
CA LYS C 13 17.26 3.67 12.16
C LYS C 13 16.55 2.66 11.28
N SER C 14 16.24 3.03 10.04
CA SER C 14 15.64 2.10 9.10
C SER C 14 16.67 1.28 8.35
N GLN C 15 17.79 1.89 7.95
CA GLN C 15 18.84 1.12 7.30
C GLN C 15 19.42 0.09 8.25
N LEU C 16 19.66 0.47 9.50
CA LEU C 16 20.19 -0.48 10.47
C LEU C 16 19.25 -1.64 10.74
N ALA C 17 17.97 -1.51 10.39
CA ALA C 17 17.04 -2.63 10.47
C ALA C 17 17.05 -3.46 9.21
N ILE C 18 17.08 -2.82 8.05
CA ILE C 18 17.25 -3.55 6.79
C ILE C 18 18.59 -4.26 6.77
N LEU C 19 19.61 -3.63 7.35
CA LEU C 19 20.94 -4.25 7.38
C LEU C 19 20.89 -5.59 8.09
N PHE C 20 20.20 -5.65 9.23
CA PHE C 20 20.01 -6.94 9.90
C PHE C 20 19.18 -7.88 9.03
N ILE C 21 18.10 -7.36 8.43
CA ILE C 21 17.27 -8.19 7.56
C ILE C 21 18.07 -8.66 6.35
N LEU C 22 18.88 -7.79 5.75
CA LEU C 22 19.68 -8.18 4.56
C LEU C 22 20.81 -9.10 5.02
N LEU C 23 21.28 -8.91 6.25
CA LEU C 23 22.30 -9.82 6.76
C LEU C 23 21.75 -11.23 6.86
N LEU C 24 20.53 -11.38 7.40
CA LEU C 24 19.90 -12.69 7.47
C LEU C 24 19.65 -13.26 6.08
N ILE C 25 19.17 -12.43 5.17
CA ILE C 25 18.89 -12.91 3.81
C ILE C 25 20.17 -13.37 3.13
N PHE C 26 21.24 -12.58 3.26
CA PHE C 26 22.52 -13.00 2.71
C PHE C 26 23.21 -14.06 3.57
N PHE C 27 22.85 -14.17 4.85
CA PHE C 27 23.35 -15.28 5.65
C PHE C 27 22.88 -16.60 5.07
N CYS C 28 21.60 -16.71 4.74
CA CYS C 28 21.05 -17.96 4.23
C CYS C 28 21.70 -18.32 2.90
N GLN C 29 21.82 -17.34 2.02
CA GLN C 29 22.42 -17.63 0.70
C GLN C 29 23.85 -18.14 0.91
N LYS C 30 24.64 -17.43 1.70
CA LYS C 30 26.00 -17.91 1.97
C LYS C 30 25.96 -19.20 2.76
N LEU C 31 24.99 -19.37 3.64
CA LEU C 31 24.91 -20.66 4.35
C LEU C 31 24.50 -21.76 3.35
N VAL C 32 23.56 -21.51 2.43
CA VAL C 32 23.19 -22.51 1.45
C VAL C 32 24.40 -22.92 0.61
N ARG C 33 25.17 -21.93 0.14
CA ARG C 33 26.38 -22.25 -0.60
C ARG C 33 27.38 -22.98 0.28
N ILE C 34 27.50 -22.58 1.54
CA ILE C 34 28.37 -23.30 2.47
C ILE C 34 27.84 -24.70 2.73
N LEU C 35 26.55 -24.82 3.03
CA LEU C 35 25.96 -26.12 3.29
C LEU C 35 26.05 -27.01 2.06
N GLY C 36 25.80 -26.45 0.88
CA GLY C 36 25.98 -27.21 -0.34
C GLY C 36 27.41 -27.70 -0.51
N ALA C 37 28.38 -26.82 -0.24
CA ALA C 37 29.77 -27.24 -0.24
C ALA C 37 30.07 -28.16 0.94
N ALA C 38 29.34 -28.01 2.04
CA ALA C 38 29.53 -28.90 3.18
C ALA C 38 29.18 -30.34 2.83
N VAL C 39 28.08 -30.54 2.09
CA VAL C 39 27.70 -31.89 1.70
C VAL C 39 28.45 -32.38 0.47
N ASP C 40 29.01 -31.48 -0.33
CA ASP C 40 29.72 -31.86 -1.54
C ASP C 40 31.20 -32.14 -1.26
N GLY C 41 31.89 -31.16 -0.70
CA GLY C 41 33.28 -31.33 -0.32
C GLY C 41 33.51 -31.98 1.02
N ASP C 42 32.43 -32.36 1.72
CA ASP C 42 32.52 -32.96 3.05
C ASP C 42 33.30 -32.07 4.01
N ILE C 43 33.06 -30.76 3.91
CA ILE C 43 33.72 -29.80 4.80
C ILE C 43 33.24 -30.03 6.23
N PRO C 44 34.14 -30.13 7.21
CA PRO C 44 33.71 -30.42 8.58
C PRO C 44 32.82 -29.32 9.16
N THR C 45 31.89 -29.73 10.01
CA THR C 45 30.95 -28.82 10.64
C THR C 45 31.59 -27.93 11.69
N ASN C 46 32.85 -28.18 12.06
CA ASN C 46 33.51 -27.41 13.10
C ASN C 46 33.69 -25.95 12.67
N LEU C 47 33.96 -25.71 11.39
CA LEU C 47 34.30 -24.39 10.92
C LEU C 47 33.30 -23.80 9.92
N VAL C 48 32.19 -24.49 9.66
CA VAL C 48 31.19 -23.93 8.75
C VAL C 48 30.63 -22.62 9.30
N LEU C 49 30.47 -22.54 10.63
CA LEU C 49 30.02 -21.29 11.23
C LEU C 49 31.06 -20.18 11.03
N SER C 50 32.34 -20.52 11.14
CA SER C 50 33.39 -19.53 10.94
C SER C 50 33.36 -19.00 9.52
N LEU C 51 33.17 -19.88 8.54
CA LEU C 51 33.11 -19.44 7.14
C LEU C 51 31.93 -18.50 6.91
N LEU C 52 30.79 -18.81 7.53
CA LEU C 52 29.65 -17.89 7.47
C LEU C 52 30.02 -16.52 8.04
N GLY C 53 30.72 -16.52 9.17
CA GLY C 53 31.19 -15.28 9.76
C GLY C 53 32.45 -14.73 9.15
N LEU C 54 33.01 -15.41 8.15
CA LEU C 54 34.19 -14.93 7.45
C LEU C 54 33.87 -14.35 6.07
N GLY C 55 32.74 -14.72 5.49
CA GLY C 55 32.28 -14.12 4.26
C GLY C 55 31.47 -12.86 4.43
N ILE C 56 31.38 -12.35 5.68
CA ILE C 56 30.61 -11.13 5.91
C ILE C 56 31.13 -9.96 5.10
N PRO C 57 32.44 -9.69 5.04
CA PRO C 57 32.90 -8.64 4.12
C PRO C 57 32.55 -8.92 2.66
N GLU C 58 32.56 -10.19 2.26
CA GLU C 58 32.15 -10.52 0.89
C GLU C 58 30.70 -10.11 0.65
N MET C 59 29.81 -10.42 1.59
CA MET C 59 28.43 -9.95 1.49
C MET C 59 28.34 -8.45 1.72
N ALA C 60 29.23 -7.89 2.54
CA ALA C 60 29.15 -6.48 2.89
C ALA C 60 29.24 -5.59 1.66
N GLN C 61 30.08 -5.97 0.70
CA GLN C 61 30.19 -5.22 -0.55
C GLN C 61 28.83 -5.13 -1.25
N LEU C 62 28.01 -6.17 -1.11
CA LEU C 62 26.74 -6.22 -1.82
C LEU C 62 25.58 -5.67 -1.00
N ILE C 63 25.67 -5.67 0.33
CA ILE C 63 24.57 -5.23 1.17
C ILE C 63 24.72 -3.78 1.60
N LEU C 64 25.93 -3.35 1.97
CA LEU C 64 26.12 -1.97 2.43
C LEU C 64 25.61 -0.94 1.44
N PRO C 65 25.87 -1.02 0.13
CA PRO C 65 25.13 -0.16 -0.80
C PRO C 65 23.65 -0.50 -0.82
N LEU C 66 23.32 -1.79 -0.84
CA LEU C 66 21.90 -2.22 -0.96
C LEU C 66 21.15 -2.00 0.38
N SER C 67 21.81 -1.97 1.55
CA SER C 67 21.16 -1.65 2.80
C SER C 67 20.81 -0.17 2.89
N LEU C 68 21.73 0.70 2.47
CA LEU C 68 21.39 2.11 2.34
C LEU C 68 20.29 2.30 1.30
N PHE C 69 20.44 1.64 0.15
CA PHE C 69 19.44 1.79 -0.90
C PHE C 69 18.09 1.26 -0.45
N LEU C 70 18.06 0.03 0.09
CA LEU C 70 16.81 -0.50 0.62
C LEU C 70 16.31 0.35 1.78
N GLY C 71 17.23 0.85 2.61
CA GLY C 71 16.83 1.80 3.63
C GLY C 71 16.28 3.09 3.03
N LEU C 72 16.99 3.63 2.04
CA LEU C 72 16.50 4.85 1.39
C LEU C 72 15.17 4.61 0.72
N LEU C 73 15.01 3.48 0.03
CA LEU C 73 13.76 3.20 -0.65
C LEU C 73 12.61 3.04 0.33
N MET C 74 12.84 2.32 1.43
CA MET C 74 11.76 2.11 2.40
C MET C 74 11.46 3.39 3.17
N THR C 75 12.50 4.11 3.60
CA THR C 75 12.27 5.35 4.33
C THR C 75 11.57 6.37 3.45
N LEU C 76 12.12 6.66 2.28
CA LEU C 76 11.46 7.58 1.37
C LEU C 76 10.14 7.00 0.89
N GLY C 77 10.07 5.68 0.80
CA GLY C 77 8.77 5.08 0.47
C GLY C 77 7.81 5.44 1.57
N LYS C 78 8.13 5.11 2.83
CA LYS C 78 7.21 5.32 3.93
C LYS C 78 6.94 6.80 4.16
N LEU C 79 7.98 7.64 4.02
CA LEU C 79 7.78 9.07 4.16
C LEU C 79 6.82 9.59 3.09
N TYR C 80 6.95 9.10 1.87
CA TYR C 80 6.00 9.52 0.84
C TYR C 80 4.65 8.83 1.02
N THR C 81 4.63 7.60 1.53
CA THR C 81 3.36 6.95 1.82
C THR C 81 2.60 7.70 2.91
N GLU C 82 3.32 8.34 3.82
CA GLU C 82 2.72 9.24 4.79
C GLU C 82 2.48 10.63 4.23
N SER C 83 2.80 10.84 2.95
CA SER C 83 2.68 12.14 2.30
C SER C 83 3.45 13.21 3.08
N GLU C 84 4.61 12.82 3.60
CA GLU C 84 5.48 13.71 4.34
C GLU C 84 6.51 14.37 3.43
N ILE C 85 7.06 13.63 2.47
CA ILE C 85 7.97 14.23 1.51
C ILE C 85 7.24 15.26 0.65
N THR C 86 6.03 14.92 0.21
CA THR C 86 5.30 15.85 -0.66
C THR C 86 4.95 17.14 0.06
N VAL C 87 4.94 17.16 1.39
CA VAL C 87 4.86 18.42 2.10
C VAL C 87 6.26 18.96 2.36
N MET C 88 7.26 18.10 2.51
CA MET C 88 8.62 18.56 2.71
C MET C 88 9.08 19.43 1.55
N HIS C 89 8.54 19.18 0.36
CA HIS C 89 8.88 20.08 -0.77
C HIS C 89 7.89 21.24 -0.78
N ALA C 90 6.64 20.98 -0.35
CA ALA C 90 5.57 22.01 -0.32
C ALA C 90 5.85 23.07 0.73
N CYS C 91 6.84 22.83 1.58
CA CYS C 91 7.09 23.77 2.69
C CYS C 91 8.35 24.58 2.38
N GLY C 92 8.92 24.40 1.18
CA GLY C 92 10.07 25.25 0.78
C GLY C 92 11.40 24.52 0.78
N LEU C 93 11.45 23.24 1.14
CA LEU C 93 12.74 22.51 1.01
C LEU C 93 12.89 22.01 -0.43
N SER C 94 14.09 21.67 -0.86
CA SER C 94 14.29 21.30 -2.25
C SER C 94 14.61 19.82 -2.24
N LYS C 95 14.57 19.21 -3.43
CA LYS C 95 14.94 17.81 -3.55
C LYS C 95 16.38 17.57 -3.13
N ALA C 96 17.21 18.61 -3.16
CA ALA C 96 18.56 18.51 -2.65
C ALA C 96 18.59 18.08 -1.20
N VAL C 97 17.52 18.40 -0.44
CA VAL C 97 17.45 17.96 0.95
C VAL C 97 17.47 16.44 1.02
N LEU C 98 16.73 15.76 0.14
CA LEU C 98 16.83 14.31 0.07
C LEU C 98 18.24 13.88 -0.31
N ILE C 99 18.85 14.57 -1.28
CA ILE C 99 20.19 14.20 -1.71
C ILE C 99 21.19 14.45 -0.60
N LYS C 100 21.17 15.65 -0.02
CA LYS C 100 22.13 15.96 1.03
C LYS C 100 21.91 15.07 2.25
N ALA C 101 20.66 14.70 2.54
CA ALA C 101 20.40 13.75 3.60
C ALA C 101 21.00 12.39 3.27
N ALA C 102 20.88 11.96 2.02
CA ALA C 102 21.46 10.68 1.63
C ALA C 102 22.98 10.73 1.72
N MET C 103 23.60 11.77 1.13
CA MET C 103 25.05 11.84 1.09
C MET C 103 25.65 11.94 2.49
N ILE C 104 25.08 12.80 3.34
CA ILE C 104 25.58 12.93 4.70
C ILE C 104 25.37 11.64 5.49
N LEU C 105 24.61 10.70 4.94
CA LEU C 105 24.54 9.35 5.48
C LEU C 105 25.18 8.32 4.57
N ALA C 106 25.44 8.67 3.33
CA ALA C 106 26.13 7.73 2.42
C ALA C 106 27.62 7.84 2.65
N LEU C 107 28.10 8.99 3.13
CA LEU C 107 29.53 9.08 3.47
C LEU C 107 29.80 8.08 4.58
N PHE C 108 28.87 7.95 5.52
CA PHE C 108 29.02 6.94 6.59
C PHE C 108 29.09 5.56 5.95
N THR C 109 28.02 5.15 5.27
CA THR C 109 27.99 3.83 4.68
C THR C 109 29.17 3.61 3.74
N GLY C 110 29.51 4.63 2.97
CA GLY C 110 30.68 4.53 2.10
C GLY C 110 31.96 4.30 2.88
N ALA C 111 32.12 5.02 3.99
CA ALA C 111 33.31 4.82 4.81
C ALA C 111 33.36 3.41 5.36
N VAL C 112 32.20 2.89 5.80
CA VAL C 112 32.12 1.48 6.29
C VAL C 112 32.36 0.57 5.07
N ALA C 113 31.73 0.89 3.93
CA ALA C 113 31.99 0.14 2.70
C ALA C 113 33.47 0.16 2.36
N ALA C 114 34.13 1.31 2.55
CA ALA C 114 35.57 1.37 2.35
C ALA C 114 36.29 0.44 3.31
N VAL C 115 35.86 0.41 4.57
CA VAL C 115 36.52 -0.45 5.55
C VAL C 115 36.37 -1.92 5.14
N ASN C 116 35.22 -2.27 4.59
CA ASN C 116 34.98 -3.66 4.11
C ASN C 116 35.74 -3.88 2.80
N VAL C 117 36.20 -2.80 2.16
CA VAL C 117 36.98 -2.87 0.94
C VAL C 117 38.47 -2.66 1.20
N MET C 118 38.80 -1.65 2.01
CA MET C 118 40.20 -1.32 2.24
C MET C 118 40.88 -2.32 3.17
N TRP C 119 40.20 -2.72 4.24
CA TRP C 119 40.81 -3.61 5.23
C TRP C 119 40.11 -4.94 5.37
N ALA C 120 38.79 -4.94 5.58
CA ALA C 120 38.10 -6.19 5.91
C ALA C 120 38.08 -7.15 4.73
N GLY C 121 38.10 -6.63 3.51
CA GLY C 121 38.16 -7.48 2.33
C GLY C 121 39.34 -8.41 2.36
N PRO C 122 40.55 -7.84 2.28
CA PRO C 122 41.75 -8.69 2.42
C PRO C 122 41.81 -9.42 3.75
N TRP C 123 41.33 -8.80 4.82
CA TRP C 123 41.30 -9.47 6.11
C TRP C 123 40.43 -10.73 6.07
N SER C 124 39.28 -10.63 5.42
CA SER C 124 38.39 -11.77 5.28
C SER C 124 39.05 -12.91 4.53
N SER C 125 39.70 -12.60 3.40
CA SER C 125 40.19 -13.65 2.51
C SER C 125 41.33 -14.43 3.15
N ARG C 126 42.26 -13.73 3.81
CA ARG C 126 43.41 -14.42 4.40
C ARG C 126 42.97 -15.35 5.52
N HIS C 127 42.03 -14.91 6.36
CA HIS C 127 41.46 -15.83 7.35
C HIS C 127 40.66 -16.93 6.66
N GLN C 128 40.07 -16.64 5.50
CA GLN C 128 39.30 -17.63 4.77
C GLN C 128 40.17 -18.66 4.08
N ASP C 129 41.46 -18.36 3.89
CA ASP C 129 42.34 -19.28 3.19
C ASP C 129 42.65 -20.51 4.04
N GLU C 130 43.03 -20.30 5.31
CA GLU C 130 43.48 -21.44 6.15
C GLU C 130 42.34 -22.04 6.97
N VAL C 131 41.63 -21.22 7.78
CA VAL C 131 40.56 -21.73 8.69
C VAL C 131 41.05 -23.01 9.39
N LEU C 132 42.35 -23.08 9.69
CA LEU C 132 42.94 -24.23 10.39
C LEU C 132 42.62 -25.54 9.67
N ALA C 133 42.27 -25.47 8.38
CA ALA C 133 41.89 -26.66 7.64
C ALA C 133 43.10 -27.50 7.23
N GLU C 134 44.21 -26.85 6.89
CA GLU C 134 45.34 -27.55 6.29
C GLU C 134 46.03 -28.52 7.24
N ALA C 135 45.56 -28.59 8.48
CA ALA C 135 46.11 -29.56 9.43
C ALA C 135 45.58 -30.96 9.22
N ALA C 264 42.10 -4.88 -12.41
CA ALA C 264 41.75 -6.21 -11.94
C ALA C 264 40.54 -6.16 -11.02
N GLU C 265 40.72 -6.70 -9.81
CA GLU C 265 39.67 -6.61 -8.80
C GLU C 265 39.45 -5.16 -8.38
N LEU C 266 40.50 -4.33 -8.45
CA LEU C 266 40.41 -2.97 -7.92
C LEU C 266 39.34 -2.16 -8.63
N HIS C 267 39.19 -2.35 -9.93
CA HIS C 267 38.16 -1.64 -10.67
C HIS C 267 36.77 -2.00 -10.16
N TRP C 268 36.55 -3.26 -9.79
CA TRP C 268 35.35 -3.62 -9.04
C TRP C 268 35.47 -3.19 -7.58
N ARG C 269 36.67 -3.28 -7.01
CA ARG C 269 36.86 -2.91 -5.62
C ARG C 269 36.59 -1.42 -5.42
N PHE C 270 37.04 -0.58 -6.35
CA PHE C 270 36.89 0.87 -6.20
C PHE C 270 35.47 1.33 -6.52
N THR C 271 34.81 0.69 -7.49
CA THR C 271 33.47 1.11 -7.85
C THR C 271 32.45 0.78 -6.77
N LEU C 272 32.80 -0.03 -5.78
CA LEU C 272 31.85 -0.33 -4.72
C LEU C 272 31.54 0.91 -3.89
N VAL C 273 32.57 1.70 -3.57
CA VAL C 273 32.33 2.95 -2.87
C VAL C 273 31.57 3.93 -3.75
N ALA C 274 32.02 4.08 -5.00
CA ALA C 274 31.33 4.97 -5.93
C ALA C 274 29.91 4.50 -6.23
N THR C 275 29.61 3.23 -5.95
CA THR C 275 28.23 2.76 -6.07
C THR C 275 27.33 3.42 -5.04
N VAL C 276 27.81 3.55 -3.80
CA VAL C 276 26.97 4.07 -2.72
C VAL C 276 26.54 5.50 -3.05
N PHE C 277 27.48 6.34 -3.45
CA PHE C 277 27.14 7.72 -3.79
C PHE C 277 26.19 7.78 -4.98
N ILE C 278 26.38 6.90 -5.96
CA ILE C 278 25.50 6.88 -7.13
C ILE C 278 24.09 6.48 -6.72
N MET C 279 23.97 5.39 -5.95
CA MET C 279 22.65 4.86 -5.64
C MET C 279 21.89 5.77 -4.68
N ALA C 280 22.59 6.37 -3.71
CA ALA C 280 21.95 7.38 -2.88
C ALA C 280 21.48 8.56 -3.72
N LEU C 281 22.22 8.88 -4.78
CA LEU C 281 21.76 9.88 -5.74
C LEU C 281 20.67 9.31 -6.64
N MET C 282 20.65 7.99 -6.84
CA MET C 282 19.72 7.36 -7.77
C MET C 282 18.39 7.00 -7.12
N VAL C 283 18.35 6.82 -5.80
CA VAL C 283 17.13 6.35 -5.15
C VAL C 283 16.15 7.51 -4.96
N VAL C 284 16.64 8.71 -4.70
CA VAL C 284 15.79 9.84 -4.35
C VAL C 284 14.85 10.27 -5.48
N PRO C 285 15.15 10.05 -6.76
CA PRO C 285 14.13 10.29 -7.78
C PRO C 285 13.26 9.08 -8.10
N LEU C 286 13.64 7.88 -7.66
CA LEU C 286 12.94 6.66 -8.04
C LEU C 286 11.97 6.18 -6.96
N SER C 287 11.44 7.07 -6.14
CA SER C 287 10.51 6.65 -5.10
C SER C 287 9.38 7.62 -4.84
N VAL C 288 9.20 8.65 -5.67
CA VAL C 288 8.28 9.73 -5.33
C VAL C 288 7.30 10.04 -6.45
N VAL C 289 7.22 9.17 -7.46
CA VAL C 289 6.30 9.41 -8.56
C VAL C 289 5.37 8.21 -8.72
N ASN C 290 5.83 7.04 -8.29
CA ASN C 290 5.07 5.80 -8.39
C ASN C 290 4.11 5.55 -7.22
N PRO C 291 4.47 5.87 -5.95
CA PRO C 291 3.62 5.45 -4.82
C PRO C 291 2.19 5.97 -4.86
N ARG C 292 1.85 6.75 -5.89
CA ARG C 292 0.46 7.19 -6.04
C ARG C 292 -0.49 6.01 -6.21
N GLN C 293 0.00 4.90 -6.76
CA GLN C 293 -0.84 3.72 -7.00
C GLN C 293 -0.30 2.43 -6.41
N GLY C 294 0.99 2.33 -6.11
CA GLY C 294 1.55 1.10 -5.60
C GLY C 294 2.53 1.31 -4.46
N ARG C 295 2.29 0.64 -3.33
CA ARG C 295 3.22 0.74 -2.21
C ARG C 295 4.56 0.10 -2.56
N VAL C 296 4.54 -1.13 -3.06
CA VAL C 296 5.77 -1.81 -3.42
C VAL C 296 6.11 -1.67 -4.90
N LEU C 297 5.13 -1.33 -5.74
CA LEU C 297 5.42 -1.15 -7.16
C LEU C 297 6.33 0.03 -7.41
N SER C 298 6.49 0.92 -6.43
CA SER C 298 7.47 1.99 -6.56
C SER C 298 8.89 1.46 -6.46
N MET C 299 9.11 0.47 -5.59
CA MET C 299 10.45 -0.07 -5.40
C MET C 299 10.93 -0.84 -6.62
N LEU C 300 10.01 -1.43 -7.40
CA LEU C 300 10.43 -2.31 -8.49
C LEU C 300 11.28 -1.60 -9.53
N PRO C 301 10.88 -0.45 -10.11
CA PRO C 301 11.80 0.21 -11.05
C PRO C 301 13.10 0.63 -10.41
N ALA C 302 13.06 1.09 -9.16
CA ALA C 302 14.30 1.43 -8.47
C ALA C 302 15.15 0.19 -8.24
N MET C 303 14.51 -0.92 -7.84
CA MET C 303 15.27 -2.15 -7.62
C MET C 303 15.77 -2.73 -8.95
N LEU C 304 14.92 -2.75 -9.97
CA LEU C 304 15.34 -3.31 -11.25
C LEU C 304 16.45 -2.48 -11.88
N LEU C 305 16.32 -1.15 -11.84
CA LEU C 305 17.41 -0.31 -12.33
C LEU C 305 18.64 -0.46 -11.46
N TYR C 306 18.46 -0.74 -10.16
CA TYR C 306 19.58 -1.10 -9.31
C TYR C 306 20.16 -2.45 -9.73
N LEU C 307 19.28 -3.44 -9.93
CA LEU C 307 19.76 -4.78 -10.28
C LEU C 307 20.49 -4.78 -11.61
N VAL C 308 19.94 -4.08 -12.61
CA VAL C 308 20.61 -4.01 -13.91
C VAL C 308 21.98 -3.38 -13.76
N PHE C 309 22.15 -2.48 -12.79
CA PHE C 309 23.47 -1.95 -12.51
C PHE C 309 24.38 -3.02 -11.94
N PHE C 310 23.90 -3.74 -10.92
CA PHE C 310 24.81 -4.59 -10.16
C PHE C 310 25.26 -5.81 -10.97
N LEU C 311 24.30 -6.49 -11.61
CA LEU C 311 24.69 -7.67 -12.38
C LEU C 311 25.57 -7.28 -13.55
N LEU C 312 25.26 -6.18 -14.25
CA LEU C 312 26.14 -5.72 -15.32
C LEU C 312 27.49 -5.32 -14.77
N GLN C 313 27.52 -4.64 -13.63
CA GLN C 313 28.80 -4.37 -12.99
C GLN C 313 29.49 -5.66 -12.57
N THR C 314 28.71 -6.62 -12.05
CA THR C 314 29.28 -7.93 -11.72
C THR C 314 29.68 -8.69 -12.98
N SER C 315 28.90 -8.56 -14.05
CA SER C 315 29.23 -9.25 -15.30
C SER C 315 30.55 -8.74 -15.86
N ILE C 316 30.75 -7.43 -15.86
CA ILE C 316 31.93 -6.86 -16.51
C ILE C 316 33.21 -7.26 -15.78
N LYS C 317 33.16 -7.38 -14.45
CA LYS C 317 34.35 -7.77 -13.70
C LYS C 317 34.63 -9.27 -13.86
N SER C 318 34.79 -9.67 -15.11
CA SER C 318 35.02 -11.07 -15.46
C SER C 318 36.34 -11.29 -16.20
N ASN C 319 36.66 -10.45 -17.18
CA ASN C 319 37.84 -10.64 -18.01
C ASN C 319 39.02 -9.90 -17.41
N GLY C 320 40.10 -10.62 -17.14
CA GLY C 320 41.27 -10.02 -16.52
C GLY C 320 41.13 -9.87 -15.02
N GLY C 321 40.97 -10.99 -14.31
CA GLY C 321 40.67 -10.96 -12.89
C GLY C 321 41.89 -11.04 -12.01
N LYS C 322 42.09 -12.19 -11.35
CA LYS C 322 43.20 -12.35 -10.42
C LYS C 322 44.53 -12.13 -11.13
N GLY C 323 45.43 -11.38 -10.47
CA GLY C 323 46.69 -10.98 -11.05
C GLY C 323 46.76 -9.47 -11.20
N LYS C 324 47.59 -9.03 -12.14
CA LYS C 324 47.68 -7.61 -12.44
C LYS C 324 46.88 -7.20 -13.66
N MET C 325 46.47 -8.16 -14.49
CA MET C 325 45.64 -7.84 -15.64
C MET C 325 44.34 -7.19 -15.21
N ASP C 326 43.91 -6.19 -15.97
CA ASP C 326 42.75 -5.38 -15.62
C ASP C 326 41.67 -5.50 -16.68
N PRO C 327 40.40 -5.37 -16.29
CA PRO C 327 39.32 -5.41 -17.29
C PRO C 327 39.36 -4.19 -18.19
N ALA C 328 38.80 -4.35 -19.38
CA ALA C 328 38.73 -3.24 -20.33
C ALA C 328 37.93 -2.09 -19.73
N ILE C 329 38.01 -0.93 -20.39
CA ILE C 329 37.38 0.26 -19.82
C ILE C 329 35.91 0.25 -20.23
N TRP C 330 35.13 -0.52 -19.50
CA TRP C 330 33.67 -0.52 -19.60
C TRP C 330 33.00 -0.65 -18.23
N MET C 331 33.67 -1.22 -17.24
CA MET C 331 33.12 -1.32 -15.90
C MET C 331 32.78 0.06 -15.36
N TRP C 332 33.66 1.04 -15.53
CA TRP C 332 33.41 2.39 -14.98
C TRP C 332 32.65 3.12 -16.06
N ALA C 333 32.73 2.63 -17.29
CA ALA C 333 31.91 3.24 -18.33
C ALA C 333 30.44 2.98 -18.08
N ILE C 334 30.08 1.77 -17.69
CA ILE C 334 28.71 1.49 -17.28
C ILE C 334 28.41 2.18 -15.96
N ASN C 335 29.36 2.14 -15.02
CA ASN C 335 29.14 2.76 -13.72
C ASN C 335 28.95 4.26 -13.86
N LEU C 336 29.79 4.92 -14.66
CA LEU C 336 29.63 6.35 -14.89
C LEU C 336 28.34 6.64 -15.64
N LEU C 337 27.89 5.71 -16.49
CA LEU C 337 26.61 5.89 -17.18
C LEU C 337 25.47 6.06 -16.18
N TYR C 338 25.46 5.25 -15.13
CA TYR C 338 24.40 5.35 -14.13
C TYR C 338 24.45 6.69 -13.41
N PHE C 339 25.65 7.19 -13.13
CA PHE C 339 25.76 8.51 -12.50
C PHE C 339 25.14 9.57 -13.37
N ALA C 340 25.43 9.54 -14.67
CA ALA C 340 24.74 10.42 -15.62
C ALA C 340 23.25 10.15 -15.60
N LEU C 341 22.86 8.87 -15.61
CA LEU C 341 21.44 8.55 -15.51
C LEU C 341 20.88 8.94 -14.15
N ALA C 342 21.71 8.95 -13.11
CA ALA C 342 21.24 9.40 -11.81
C ALA C 342 20.96 10.90 -11.81
N VAL C 343 21.89 11.69 -12.35
CA VAL C 343 21.68 13.13 -12.41
C VAL C 343 20.54 13.47 -13.38
N LEU C 344 20.44 12.72 -14.47
CA LEU C 344 19.49 13.06 -15.54
C LEU C 344 18.07 13.16 -15.01
N LEU C 345 17.61 12.14 -14.28
CA LEU C 345 16.24 12.17 -13.78
C LEU C 345 16.10 12.92 -12.47
N ASN C 346 17.20 13.27 -11.81
CA ASN C 346 17.10 13.98 -10.54
C ASN C 346 16.82 15.47 -10.74
N LEU C 347 17.37 16.06 -11.80
CA LEU C 347 17.28 17.50 -12.00
C LEU C 347 15.86 17.98 -12.31
N TRP C 348 14.92 17.08 -12.56
CA TRP C 348 13.54 17.46 -12.87
C TRP C 348 12.94 18.37 -11.80
N VAL D 6 -19.38 -20.46 -10.21
CA VAL D 6 -18.61 -19.52 -11.00
C VAL D 6 -17.63 -18.77 -10.11
N LEU D 7 -18.09 -18.40 -8.92
CA LEU D 7 -17.25 -17.63 -8.00
C LEU D 7 -15.97 -18.37 -7.65
N ASP D 8 -16.00 -19.70 -7.66
CA ASP D 8 -14.78 -20.47 -7.46
C ASP D 8 -13.89 -20.44 -8.70
N ARG D 9 -14.49 -20.42 -9.89
CA ARG D 9 -13.69 -20.35 -11.12
C ARG D 9 -12.98 -19.02 -11.22
N TYR D 10 -13.65 -17.93 -10.84
CA TYR D 10 -12.99 -16.63 -10.79
C TYR D 10 -11.83 -16.64 -9.80
N ILE D 11 -12.02 -17.30 -8.66
CA ILE D 11 -10.92 -17.48 -7.71
C ILE D 11 -9.78 -18.23 -8.38
N GLY D 12 -10.11 -19.20 -9.23
CA GLY D 12 -9.06 -19.98 -9.87
C GLY D 12 -8.20 -19.13 -10.79
N LYS D 13 -8.83 -18.36 -11.68
CA LYS D 13 -8.07 -17.51 -12.58
C LYS D 13 -7.26 -16.48 -11.81
N THR D 14 -7.92 -15.81 -10.88
CA THR D 14 -7.16 -14.87 -10.04
C THR D 14 -6.04 -15.67 -9.41
N ILE D 15 -6.36 -16.62 -8.54
CA ILE D 15 -5.21 -17.27 -7.84
C ILE D 15 -4.31 -17.95 -8.86
N PHE D 16 -4.83 -18.75 -9.79
CA PHE D 16 -3.93 -19.48 -10.73
C PHE D 16 -3.26 -18.51 -11.68
N ASN D 17 -3.94 -17.48 -12.18
CA ASN D 17 -3.20 -16.60 -13.12
C ASN D 17 -2.09 -15.92 -12.32
N THR D 18 -2.36 -15.49 -11.10
CA THR D 18 -1.27 -14.79 -10.38
C THR D 18 -0.17 -15.81 -10.19
N ILE D 19 -0.48 -17.04 -9.81
CA ILE D 19 0.66 -17.96 -9.57
C ILE D 19 1.42 -18.08 -10.87
N MET D 20 0.75 -18.30 -12.00
CA MET D 20 1.50 -18.56 -13.25
C MET D 20 2.31 -17.33 -13.64
N MET D 21 1.72 -16.13 -13.56
CA MET D 21 2.46 -14.93 -14.04
C MET D 21 3.63 -14.69 -13.10
N THR D 22 3.42 -14.90 -11.81
CA THR D 22 4.46 -14.61 -10.82
C THR D 22 5.57 -15.60 -11.13
N LEU D 23 5.22 -16.85 -11.40
CA LEU D 23 6.25 -17.86 -11.66
C LEU D 23 6.97 -17.38 -12.90
N PHE D 24 6.28 -16.93 -13.95
CA PHE D 24 6.96 -16.54 -15.20
C PHE D 24 7.90 -15.36 -14.96
N MET D 25 7.47 -14.34 -14.24
CA MET D 25 8.32 -13.13 -14.07
C MET D 25 9.54 -13.54 -13.24
N LEU D 26 9.30 -14.34 -12.22
CA LEU D 26 10.40 -14.72 -11.31
C LEU D 26 11.34 -15.62 -12.09
N VAL D 27 10.83 -16.43 -13.00
CA VAL D 27 11.62 -17.37 -13.84
C VAL D 27 12.45 -16.54 -14.80
N SER D 28 11.89 -15.44 -15.33
CA SER D 28 12.68 -14.54 -16.20
C SER D 28 13.80 -14.00 -15.33
N LEU D 29 13.48 -13.64 -14.09
CA LEU D 29 14.58 -13.04 -13.28
C LEU D 29 15.62 -14.14 -13.12
N SER D 30 15.19 -15.37 -12.82
CA SER D 30 16.13 -16.48 -12.50
C SER D 30 16.99 -16.76 -13.72
N GLY D 31 16.39 -16.62 -14.88
CA GLY D 31 17.11 -16.88 -16.12
C GLY D 31 18.16 -15.84 -16.31
N ILE D 32 17.79 -14.56 -16.30
CA ILE D 32 18.83 -13.60 -16.68
C ILE D 32 19.88 -13.47 -15.59
N ILE D 33 19.49 -13.65 -14.34
CA ILE D 33 20.47 -13.59 -13.25
C ILE D 33 21.46 -14.74 -13.39
N LYS D 34 20.99 -15.90 -13.88
CA LYS D 34 21.90 -17.06 -14.13
C LYS D 34 22.40 -16.96 -15.58
N PHE D 35 21.64 -16.29 -16.43
CA PHE D 35 22.14 -16.11 -17.79
C PHE D 35 23.45 -15.34 -17.78
N VAL D 36 23.45 -14.22 -17.06
CA VAL D 36 24.72 -13.46 -16.95
C VAL D 36 25.77 -14.36 -16.32
N ASP D 37 25.35 -15.37 -15.55
CA ASP D 37 26.36 -16.33 -15.02
C ASP D 37 26.94 -17.12 -16.19
N GLN D 38 26.10 -17.50 -17.16
CA GLN D 38 26.60 -18.18 -18.39
C GLN D 38 27.50 -17.21 -19.17
N LEU D 39 27.15 -15.93 -19.21
CA LEU D 39 28.02 -14.95 -19.89
C LEU D 39 29.36 -14.95 -19.19
N LYS D 40 29.36 -15.09 -17.86
CA LYS D 40 30.65 -15.17 -17.12
C LYS D 40 31.42 -16.42 -17.59
N LYS D 41 30.74 -17.53 -17.86
CA LYS D 41 31.41 -18.80 -18.24
C LYS D 41 31.54 -18.85 -19.77
N SER D 42 31.20 -17.77 -20.46
CA SER D 42 31.23 -17.76 -21.94
C SER D 42 32.67 -17.79 -22.44
N GLY D 43 32.85 -18.10 -23.72
CA GLY D 43 34.21 -18.21 -24.29
C GLY D 43 34.64 -19.66 -24.41
N GLN D 44 33.85 -20.60 -23.88
CA GLN D 44 34.18 -22.03 -24.11
C GLN D 44 34.04 -22.24 -25.61
N GLY D 45 32.98 -21.68 -26.20
CA GLY D 45 32.74 -21.80 -27.64
C GLY D 45 31.65 -20.84 -28.07
N SER D 46 30.64 -20.64 -27.22
CA SER D 46 29.50 -19.77 -27.61
C SER D 46 28.58 -19.25 -26.52
N TYR D 47 28.25 -17.95 -26.57
CA TYR D 47 27.29 -17.35 -25.62
C TYR D 47 25.91 -17.09 -26.21
N ASP D 48 25.86 -16.83 -27.52
CA ASP D 48 24.57 -16.62 -28.22
C ASP D 48 23.83 -17.95 -28.20
N ALA D 49 24.57 -19.05 -28.34
CA ALA D 49 23.95 -20.39 -28.23
C ALA D 49 23.42 -20.56 -26.81
N LEU D 50 24.15 -20.06 -25.81
CA LEU D 50 23.64 -20.13 -24.41
C LEU D 50 22.36 -19.30 -24.36
N GLY D 51 22.32 -18.19 -25.10
CA GLY D 51 21.11 -17.35 -25.19
C GLY D 51 19.92 -18.08 -25.76
N ALA D 52 20.14 -18.95 -26.75
CA ALA D 52 19.01 -19.65 -27.40
C ALA D 52 18.89 -21.06 -26.83
N GLY D 53 19.76 -21.98 -27.24
CA GLY D 53 19.60 -23.37 -26.81
C GLY D 53 19.69 -23.55 -25.31
N LEU D 54 20.69 -22.95 -24.64
CA LEU D 54 20.76 -23.24 -23.20
C LEU D 54 19.56 -22.60 -22.49
N TYR D 55 19.25 -21.36 -22.81
CA TYR D 55 18.19 -20.66 -22.04
C TYR D 55 16.88 -21.45 -21.92
N THR D 56 16.35 -22.02 -23.00
CA THR D 56 15.01 -22.63 -22.86
C THR D 56 15.05 -23.77 -21.83
N ILE D 57 16.08 -24.61 -21.88
CA ILE D 57 16.12 -25.79 -20.97
C ILE D 57 16.78 -25.31 -19.69
N LEU D 58 17.21 -24.06 -19.68
CA LEU D 58 17.78 -23.49 -18.45
C LEU D 58 16.60 -22.99 -17.62
N SER D 59 15.49 -22.62 -18.28
CA SER D 59 14.46 -21.99 -17.46
C SER D 59 13.66 -23.02 -16.67
N VAL D 60 13.18 -24.07 -17.35
CA VAL D 60 12.21 -24.98 -16.74
C VAL D 60 12.69 -25.55 -15.40
N PRO D 61 13.93 -26.02 -15.24
CA PRO D 61 14.30 -26.65 -13.95
C PRO D 61 14.18 -25.72 -12.76
N LYS D 62 14.48 -24.43 -12.93
CA LYS D 62 14.54 -23.52 -11.79
C LYS D 62 13.20 -23.41 -11.07
N ASP D 63 12.10 -23.70 -11.75
CA ASP D 63 10.80 -23.71 -11.09
C ASP D 63 10.48 -24.75 -10.03
N ILE D 64 10.72 -26.01 -10.40
CA ILE D 64 10.27 -27.16 -9.57
C ILE D 64 11.02 -27.42 -8.28
N GLN D 65 12.34 -27.30 -8.28
CA GLN D 65 13.12 -27.67 -7.08
C GLN D 65 13.15 -26.34 -6.33
N ILE D 66 13.14 -25.21 -7.02
CA ILE D 66 13.33 -23.95 -6.25
C ILE D 66 12.23 -22.90 -6.46
N PHE D 67 12.11 -22.34 -7.65
CA PHE D 67 11.24 -21.18 -7.77
C PHE D 67 9.76 -21.48 -7.89
N PHE D 68 9.34 -22.75 -7.97
CA PHE D 68 7.90 -22.89 -8.07
C PHE D 68 7.23 -22.69 -6.70
N PRO D 69 7.57 -23.48 -5.68
CA PRO D 69 6.90 -23.26 -4.38
C PRO D 69 7.23 -21.91 -3.77
N MET D 70 8.43 -21.38 -3.99
CA MET D 70 8.77 -20.03 -3.46
C MET D 70 7.90 -18.98 -4.15
N ALA D 71 7.58 -19.18 -5.43
CA ALA D 71 6.63 -18.31 -6.10
C ALA D 71 5.19 -18.77 -5.96
N ALA D 72 4.98 -19.99 -5.47
CA ALA D 72 3.60 -20.44 -5.24
C ALA D 72 2.95 -19.66 -4.11
N LEU D 73 3.68 -19.54 -2.99
CA LEU D 73 3.18 -18.72 -1.86
C LEU D 73 3.02 -17.29 -2.39
N LEU D 74 4.08 -16.74 -3.00
CA LEU D 74 4.04 -15.38 -3.51
C LEU D 74 3.00 -15.20 -4.61
N GLY D 75 2.44 -16.29 -5.12
CA GLY D 75 1.42 -16.20 -6.13
C GLY D 75 0.05 -15.94 -5.54
N ALA D 76 -0.34 -16.75 -4.55
CA ALA D 76 -1.63 -16.53 -3.91
C ALA D 76 -1.58 -15.41 -2.90
N LEU D 77 -0.53 -15.36 -2.08
CA LEU D 77 -0.44 -14.32 -1.06
C LEU D 77 -0.35 -12.94 -1.66
N LEU D 78 0.13 -12.81 -2.90
CA LEU D 78 -0.05 -11.59 -3.66
C LEU D 78 -1.39 -11.55 -4.36
N GLY D 79 -1.87 -12.70 -4.85
CA GLY D 79 -3.12 -12.76 -5.58
C GLY D 79 -4.34 -12.81 -4.68
N LEU D 80 -4.40 -13.82 -3.81
CA LEU D 80 -5.54 -13.92 -2.90
C LEU D 80 -5.60 -12.74 -1.95
N GLY D 81 -4.49 -12.04 -1.77
CA GLY D 81 -4.51 -10.76 -1.09
C GLY D 81 -4.76 -9.58 -1.99
N MET D 82 -4.61 -9.76 -3.31
CA MET D 82 -5.02 -8.71 -4.24
C MET D 82 -6.52 -8.60 -4.28
N LEU D 83 -7.24 -9.71 -4.12
CA LEU D 83 -8.68 -9.65 -3.98
C LEU D 83 -9.07 -8.93 -2.69
N ALA D 84 -8.42 -9.28 -1.58
CA ALA D 84 -8.66 -8.54 -0.35
C ALA D 84 -8.06 -7.14 -0.38
N GLN D 85 -7.21 -6.85 -1.37
CA GLN D 85 -6.74 -5.49 -1.57
C GLN D 85 -7.79 -4.61 -2.24
N ARG D 86 -8.62 -5.20 -3.09
CA ARG D 86 -9.75 -4.51 -3.68
C ARG D 86 -11.06 -4.84 -2.97
N SER D 87 -10.97 -5.37 -1.75
CA SER D 87 -12.11 -5.77 -0.94
C SER D 87 -12.97 -6.81 -1.65
N GLU D 88 -12.41 -7.54 -2.61
CA GLU D 88 -13.13 -8.64 -3.23
C GLU D 88 -13.37 -9.76 -2.23
N LEU D 89 -12.33 -10.12 -1.48
CA LEU D 89 -12.44 -11.26 -0.56
C LEU D 89 -13.49 -11.01 0.52
N VAL D 90 -13.52 -9.80 1.07
CA VAL D 90 -14.49 -9.53 2.13
C VAL D 90 -15.91 -9.60 1.60
N VAL D 91 -16.16 -9.06 0.41
CA VAL D 91 -17.48 -9.20 -0.20
C VAL D 91 -17.71 -10.65 -0.60
N MET D 92 -16.64 -11.35 -1.02
CA MET D 92 -16.76 -12.77 -1.30
C MET D 92 -17.19 -13.54 -0.05
N GLN D 93 -16.63 -13.16 1.11
CA GLN D 93 -17.04 -13.78 2.35
C GLN D 93 -18.36 -13.22 2.86
N ALA D 94 -18.61 -11.92 2.65
CA ALA D 94 -19.86 -11.32 3.11
C ALA D 94 -21.05 -11.75 2.27
N SER D 95 -20.80 -12.31 1.09
CA SER D 95 -21.86 -12.95 0.31
C SER D 95 -22.13 -14.36 0.75
N GLY D 96 -21.39 -14.86 1.74
CA GLY D 96 -21.62 -16.19 2.27
C GLY D 96 -20.83 -17.30 1.63
N PHE D 97 -19.91 -17.01 0.72
CA PHE D 97 -18.99 -18.03 0.27
C PHE D 97 -18.13 -18.47 1.44
N THR D 98 -18.23 -19.75 1.81
CA THR D 98 -17.69 -20.22 3.08
C THR D 98 -16.18 -20.02 3.14
N ARG D 99 -15.70 -19.61 4.32
CA ARG D 99 -14.27 -19.48 4.53
C ARG D 99 -13.55 -20.80 4.32
N LEU D 100 -14.22 -21.91 4.60
CA LEU D 100 -13.68 -23.24 4.31
C LEU D 100 -13.93 -23.65 2.87
N GLN D 101 -14.65 -22.84 2.10
CA GLN D 101 -14.77 -23.05 0.67
C GLN D 101 -13.75 -22.26 -0.13
N VAL D 102 -13.24 -21.15 0.40
CA VAL D 102 -12.14 -20.46 -0.25
C VAL D 102 -10.90 -21.34 -0.24
N ALA D 103 -10.60 -21.95 0.91
CA ALA D 103 -9.54 -22.95 0.97
C ALA D 103 -9.89 -24.17 0.14
N LEU D 104 -11.18 -24.47 -0.03
CA LEU D 104 -11.60 -25.49 -0.97
C LEU D 104 -11.64 -24.97 -2.40
N ALA D 105 -11.45 -23.66 -2.59
CA ALA D 105 -11.38 -23.07 -3.93
C ALA D 105 -9.94 -22.93 -4.39
N VAL D 106 -9.08 -22.29 -3.58
CA VAL D 106 -7.71 -22.06 -3.99
C VAL D 106 -6.95 -23.38 -4.07
N MET D 107 -7.04 -24.19 -3.03
CA MET D 107 -6.35 -25.49 -3.04
C MET D 107 -6.88 -26.41 -4.13
N LYS D 108 -8.15 -26.27 -4.51
CA LYS D 108 -8.65 -27.03 -5.65
C LYS D 108 -8.00 -26.56 -6.94
N THR D 109 -7.51 -25.32 -6.98
CA THR D 109 -6.74 -24.83 -8.11
C THR D 109 -5.27 -25.18 -8.01
N ALA D 110 -4.87 -25.88 -6.95
CA ALA D 110 -3.52 -26.44 -6.88
C ALA D 110 -3.45 -27.81 -7.51
N ILE D 111 -4.58 -28.52 -7.60
CA ILE D 111 -4.60 -29.77 -8.37
C ILE D 111 -4.19 -29.53 -9.82
N PRO D 112 -4.70 -28.52 -10.53
CA PRO D 112 -4.12 -28.19 -11.83
C PRO D 112 -2.75 -27.59 -11.73
N LEU D 113 -2.29 -27.24 -10.53
CA LEU D 113 -0.97 -26.64 -10.36
C LEU D 113 0.09 -27.63 -9.94
N VAL D 114 -0.27 -28.69 -9.22
CA VAL D 114 0.70 -29.73 -8.94
C VAL D 114 0.98 -30.55 -10.18
N LEU D 115 -0.03 -30.76 -11.02
CA LEU D 115 0.20 -31.45 -12.29
C LEU D 115 1.10 -30.62 -13.20
N LEU D 116 0.95 -29.31 -13.18
CA LEU D 116 1.88 -28.43 -13.88
C LEU D 116 3.20 -28.26 -13.15
N THR D 117 3.39 -29.00 -12.05
CA THR D 117 4.66 -29.04 -11.35
C THR D 117 5.29 -30.42 -11.37
N MET D 118 4.53 -31.46 -11.00
CA MET D 118 5.08 -32.80 -10.98
C MET D 118 5.41 -33.28 -12.40
N ALA D 119 4.48 -33.10 -13.33
CA ALA D 119 4.76 -33.45 -14.71
C ALA D 119 5.80 -32.55 -15.34
N ILE D 120 5.97 -31.34 -14.81
CA ILE D 120 7.09 -30.48 -15.19
C ILE D 120 8.27 -30.68 -14.22
N GLY D 121 8.24 -31.76 -13.45
CA GLY D 121 9.31 -32.11 -12.54
C GLY D 121 9.63 -33.59 -12.63
N GLU D 122 9.10 -34.24 -13.68
CA GLU D 122 9.37 -35.69 -13.88
C GLU D 122 9.69 -35.95 -15.36
N TRP D 123 9.19 -35.09 -16.25
CA TRP D 123 9.36 -35.37 -17.70
C TRP D 123 10.23 -34.30 -18.39
N VAL D 124 10.33 -33.10 -17.81
CA VAL D 124 11.12 -32.03 -18.41
C VAL D 124 12.05 -31.32 -17.43
N ALA D 125 11.88 -31.48 -16.11
CA ALA D 125 12.84 -30.86 -15.20
C ALA D 125 14.13 -31.66 -15.15
N PRO D 126 14.10 -33.00 -15.01
CA PRO D 126 15.37 -33.73 -15.06
C PRO D 126 15.80 -34.09 -16.48
N GLN D 127 14.84 -34.12 -17.42
CA GLN D 127 15.19 -34.40 -18.80
C GLN D 127 15.77 -33.17 -19.49
N GLY D 128 15.31 -31.99 -19.14
CA GLY D 128 15.81 -30.78 -19.77
C GLY D 128 17.07 -30.27 -19.13
N GLU D 129 17.09 -30.21 -17.78
CA GLU D 129 18.26 -29.70 -17.10
C GLU D 129 19.48 -30.57 -17.37
N GLN D 130 19.31 -31.90 -17.37
CA GLN D 130 20.41 -32.77 -17.74
C GLN D 130 20.81 -32.58 -19.19
N MET D 131 19.84 -32.26 -20.05
CA MET D 131 20.17 -31.86 -21.41
C MET D 131 20.79 -30.47 -21.44
N ALA D 132 20.49 -29.63 -20.47
CA ALA D 132 21.02 -28.26 -20.46
C ALA D 132 22.50 -28.23 -20.13
N ARG D 133 22.96 -29.08 -19.22
CA ARG D 133 24.38 -29.12 -18.91
C ARG D 133 25.18 -29.92 -19.94
N ASN D 134 24.53 -30.84 -20.65
CA ASN D 134 25.19 -31.52 -21.76
C ASN D 134 25.39 -30.60 -22.96
N TYR D 135 24.79 -29.42 -22.94
CA TYR D 135 25.02 -28.40 -23.96
C TYR D 135 26.23 -27.55 -23.64
N ARG D 136 26.93 -27.82 -22.55
CA ARG D 136 28.08 -27.03 -22.14
C ARG D 136 29.35 -27.86 -22.19
N ALA D 137 29.50 -28.68 -23.23
CA ALA D 137 30.66 -29.53 -23.38
C ALA D 137 31.77 -28.82 -24.16
N PRO D 268 21.75 -41.59 -2.27
CA PRO D 268 22.62 -41.70 -1.09
C PRO D 268 22.60 -40.43 -0.24
N GLY D 269 23.66 -40.19 0.54
CA GLY D 269 23.76 -38.99 1.35
C GLY D 269 23.20 -37.78 0.65
N ARG D 270 23.48 -37.60 -0.64
CA ARG D 270 22.89 -36.50 -1.39
C ARG D 270 21.62 -36.77 -2.19
N TYR D 271 21.65 -37.78 -3.04
CA TYR D 271 20.55 -38.07 -3.94
C TYR D 271 19.28 -38.44 -3.16
N GLN D 272 19.41 -39.40 -2.24
CA GLN D 272 18.29 -39.92 -1.50
C GLN D 272 17.45 -38.82 -0.88
N LEU D 273 18.13 -37.92 -0.16
CA LEU D 273 17.43 -36.79 0.50
C LEU D 273 16.65 -36.07 -0.59
N ASN D 274 17.34 -35.64 -1.65
CA ASN D 274 16.72 -34.84 -2.70
C ASN D 274 15.55 -35.59 -3.34
N MET D 275 15.76 -36.85 -3.70
CA MET D 275 14.78 -37.59 -4.50
C MET D 275 13.42 -37.66 -3.80
N TRP D 276 13.46 -38.09 -2.53
CA TRP D 276 12.24 -38.19 -1.66
C TRP D 276 11.61 -36.81 -1.55
N SER D 277 12.44 -35.79 -1.38
CA SER D 277 11.98 -34.39 -1.35
C SER D 277 11.30 -34.00 -2.66
N LYS D 278 11.86 -34.43 -3.79
CA LYS D 278 11.23 -34.13 -5.07
C LYS D 278 9.91 -34.87 -5.23
N ILE D 279 9.74 -36.00 -4.55
CA ILE D 279 8.42 -36.63 -4.49
C ILE D 279 7.48 -35.80 -3.63
N PHE D 280 8.00 -35.18 -2.57
CA PHE D 280 7.23 -34.29 -1.71
C PHE D 280 7.05 -32.90 -2.32
N GLN D 281 7.51 -32.69 -3.56
CA GLN D 281 7.33 -31.39 -4.26
C GLN D 281 5.84 -31.00 -4.42
N PRO D 282 4.88 -31.88 -4.82
CA PRO D 282 3.46 -31.49 -4.88
C PRO D 282 2.95 -31.04 -3.50
N LEU D 283 3.39 -31.72 -2.44
CA LEU D 283 2.94 -31.35 -1.09
C LEU D 283 3.48 -29.97 -0.73
N SER D 284 4.65 -29.56 -1.25
CA SER D 284 5.21 -28.30 -0.81
C SER D 284 4.45 -27.13 -1.41
N VAL D 285 4.09 -27.22 -2.69
CA VAL D 285 3.29 -26.18 -3.32
C VAL D 285 1.85 -26.22 -2.81
N ALA D 286 1.36 -27.39 -2.41
CA ALA D 286 0.05 -27.46 -1.77
C ALA D 286 0.08 -26.88 -0.37
N VAL D 287 1.24 -26.88 0.28
CA VAL D 287 1.38 -26.26 1.59
C VAL D 287 1.70 -24.77 1.47
N MET D 288 2.46 -24.40 0.43
CA MET D 288 2.76 -22.94 0.20
C MET D 288 1.45 -22.27 -0.14
N MET D 289 0.63 -22.98 -0.90
CA MET D 289 -0.69 -22.47 -1.17
C MET D 289 -1.60 -22.53 0.05
N LEU D 290 -1.33 -23.47 0.96
CA LEU D 290 -2.09 -23.52 2.21
C LEU D 290 -1.56 -22.49 3.21
N MET D 291 -0.28 -22.13 3.09
CA MET D 291 0.24 -21.04 3.90
C MET D 291 -0.35 -19.70 3.48
N ALA D 292 -0.66 -19.53 2.20
CA ALA D 292 -1.27 -18.29 1.74
C ALA D 292 -2.68 -18.12 2.28
N LEU D 293 -3.41 -19.22 2.42
CA LEU D 293 -4.78 -19.14 2.94
C LEU D 293 -4.79 -18.66 4.39
N SER D 294 -3.88 -19.18 5.21
CA SER D 294 -3.78 -18.70 6.58
C SER D 294 -3.27 -17.27 6.63
N PHE D 295 -2.30 -16.94 5.78
CA PHE D 295 -1.76 -15.58 5.76
C PHE D 295 -2.73 -14.58 5.17
N ILE D 296 -3.76 -15.05 4.44
CA ILE D 296 -4.76 -14.15 3.88
C ILE D 296 -6.05 -14.15 4.72
N PHE D 297 -6.24 -15.14 5.59
CA PHE D 297 -7.36 -15.14 6.52
C PHE D 297 -6.94 -14.81 7.94
N GLY D 298 -5.65 -14.87 8.25
CA GLY D 298 -5.14 -14.48 9.54
C GLY D 298 -4.51 -13.11 9.48
N PRO D 299 -3.19 -13.07 9.38
CA PRO D 299 -2.48 -11.77 9.32
C PRO D 299 -2.63 -11.09 7.95
N LEU D 300 -3.84 -10.60 7.69
CA LEU D 300 -4.07 -9.67 6.60
C LEU D 300 -4.42 -8.27 7.08
N ARG D 301 -5.13 -8.17 8.21
CA ARG D 301 -5.24 -6.97 9.04
C ARG D 301 -5.27 -5.68 8.23
N SER D 302 -5.96 -5.70 7.10
CA SER D 302 -6.01 -4.57 6.17
C SER D 302 -4.61 -4.01 5.90
N VAL D 303 -3.68 -4.91 5.57
CA VAL D 303 -2.30 -4.50 5.31
C VAL D 303 -2.19 -3.85 3.93
N PRO D 304 -1.07 -3.17 3.60
CA PRO D 304 -0.84 -2.70 2.24
C PRO D 304 -0.27 -3.89 1.45
N MET D 305 -0.69 -4.07 0.21
CA MET D 305 -0.23 -5.12 -0.70
C MET D 305 1.28 -5.33 -0.60
N GLY D 306 2.02 -4.23 -0.57
CA GLY D 306 3.45 -4.29 -0.32
C GLY D 306 3.85 -5.18 0.84
N VAL D 307 3.19 -5.04 1.98
CA VAL D 307 3.52 -5.86 3.15
C VAL D 307 3.34 -7.34 2.82
N ARG D 308 2.21 -7.68 2.20
CA ARG D 308 1.98 -9.06 1.81
C ARG D 308 3.08 -9.57 0.87
N VAL D 309 3.53 -8.70 -0.04
CA VAL D 309 4.60 -9.09 -0.95
C VAL D 309 5.85 -9.48 -0.17
N VAL D 310 6.28 -8.61 0.77
CA VAL D 310 7.45 -8.95 1.56
C VAL D 310 7.15 -10.12 2.50
N THR D 311 5.89 -10.29 2.90
CA THR D 311 5.55 -11.51 3.68
C THR D 311 5.78 -12.70 2.75
N GLY D 312 5.31 -12.61 1.50
CA GLY D 312 5.57 -13.65 0.49
C GLY D 312 7.04 -13.74 0.14
N ILE D 313 7.74 -12.60 0.10
CA ILE D 313 9.19 -12.54 -0.20
C ILE D 313 9.90 -13.21 0.96
N SER D 314 9.36 -13.06 2.18
CA SER D 314 10.18 -13.49 3.31
C SER D 314 9.89 -14.94 3.68
N PHE D 315 8.62 -15.26 3.94
CA PHE D 315 8.26 -16.66 4.15
C PHE D 315 8.52 -17.48 2.90
N GLY D 316 8.35 -16.89 1.72
CA GLY D 316 8.77 -17.56 0.50
C GLY D 316 10.27 -17.71 0.39
N PHE D 317 11.03 -16.87 1.09
CA PHE D 317 12.46 -17.10 1.25
C PHE D 317 12.78 -17.94 2.47
N ILE D 318 11.95 -17.88 3.52
CA ILE D 318 12.11 -18.79 4.63
C ILE D 318 11.91 -20.23 4.17
N PHE D 319 10.89 -20.45 3.34
CA PHE D 319 10.71 -21.76 2.75
C PHE D 319 11.88 -22.18 1.88
N TYR D 320 12.59 -21.18 1.33
CA TYR D 320 13.79 -21.46 0.50
C TYR D 320 14.93 -21.90 1.42
N VAL D 321 15.28 -21.06 2.39
CA VAL D 321 16.39 -21.42 3.27
C VAL D 321 16.07 -22.73 3.98
N LEU D 322 14.80 -22.97 4.30
CA LEU D 322 14.41 -24.22 5.01
C LEU D 322 14.39 -25.42 4.04
N ASP D 323 14.79 -25.22 2.78
CA ASP D 323 14.77 -26.28 1.79
C ASP D 323 16.17 -26.64 1.34
N GLN D 324 17.16 -25.79 1.62
CA GLN D 324 18.55 -26.02 1.27
C GLN D 324 19.48 -25.93 2.46
N ILE D 325 18.94 -25.51 3.58
CA ILE D 325 19.80 -25.58 4.78
C ILE D 325 19.30 -26.82 5.52
N PHE D 326 18.03 -26.90 5.92
CA PHE D 326 17.51 -27.99 6.79
C PHE D 326 17.60 -29.32 6.06
N GLY D 327 17.41 -29.31 4.74
CA GLY D 327 17.50 -30.50 3.93
C GLY D 327 18.86 -31.15 3.93
N PRO D 328 19.98 -30.42 3.69
CA PRO D 328 21.32 -31.01 3.86
C PRO D 328 21.69 -31.18 5.34
N LEU D 329 21.14 -30.35 6.24
CA LEU D 329 21.44 -30.57 7.65
C LEU D 329 20.90 -31.88 8.18
N THR D 330 19.95 -32.48 7.45
CA THR D 330 19.33 -33.74 7.86
C THR D 330 20.39 -34.80 8.16
N LEU D 331 21.38 -34.95 7.28
CA LEU D 331 22.42 -35.93 7.52
C LEU D 331 23.32 -35.53 8.68
N VAL D 332 23.48 -34.22 8.90
CA VAL D 332 24.40 -33.73 9.99
C VAL D 332 23.81 -34.17 11.34
N TYR D 333 22.52 -33.93 11.55
CA TYR D 333 21.88 -34.31 12.81
C TYR D 333 21.34 -35.73 12.80
N GLY D 334 21.53 -36.47 11.71
CA GLY D 334 21.07 -37.85 11.64
C GLY D 334 19.57 -38.00 11.67
N ILE D 335 18.85 -37.07 11.07
CA ILE D 335 17.39 -37.19 10.98
C ILE D 335 17.10 -38.26 9.93
N PRO D 336 16.42 -39.40 10.24
CA PRO D 336 16.25 -40.48 9.27
C PRO D 336 15.28 -40.05 8.16
N PRO D 337 15.55 -40.39 6.88
CA PRO D 337 14.61 -40.07 5.81
C PRO D 337 13.27 -40.79 6.07
N ILE D 338 13.33 -42.01 6.60
CA ILE D 338 12.09 -42.79 6.87
C ILE D 338 11.17 -42.00 7.83
N ILE D 339 11.67 -40.94 8.46
CA ILE D 339 10.85 -40.22 9.49
C ILE D 339 10.83 -38.70 9.24
N GLY D 340 11.97 -38.08 8.94
CA GLY D 340 12.07 -36.64 8.84
C GLY D 340 12.40 -35.92 7.55
N ALA D 341 13.68 -35.90 7.19
CA ALA D 341 14.20 -35.24 5.98
C ALA D 341 13.52 -33.90 5.74
N LEU D 342 12.89 -33.68 4.59
CA LEU D 342 12.35 -32.36 4.22
C LEU D 342 11.03 -32.04 4.90
N LEU D 343 10.61 -32.83 5.89
CA LEU D 343 9.39 -32.47 6.61
C LEU D 343 9.34 -31.09 7.25
N PRO D 344 10.43 -30.52 7.83
CA PRO D 344 10.44 -29.12 8.30
C PRO D 344 10.02 -28.18 7.16
N SER D 345 10.41 -28.49 5.92
CA SER D 345 9.97 -27.68 4.79
C SER D 345 8.45 -27.82 4.68
N ALA D 346 7.94 -29.04 4.88
CA ALA D 346 6.50 -29.29 4.91
C ALA D 346 5.91 -29.08 6.29
N SER D 347 6.73 -28.72 7.27
CA SER D 347 6.23 -28.30 8.58
C SER D 347 5.69 -26.89 8.57
N PHE D 348 5.82 -26.19 7.44
CA PHE D 348 5.07 -24.97 7.17
C PHE D 348 3.59 -25.21 7.46
N PHE D 349 3.14 -26.45 7.26
CA PHE D 349 1.80 -26.84 7.67
C PHE D 349 1.55 -26.52 9.14
N LEU D 350 2.47 -26.94 10.01
CA LEU D 350 2.35 -26.58 11.42
C LEU D 350 2.56 -25.10 11.65
N ILE D 351 3.24 -24.41 10.72
CA ILE D 351 3.29 -22.95 10.73
C ILE D 351 2.06 -22.36 10.06
N SER D 352 1.34 -23.15 9.27
CA SER D 352 0.07 -22.72 8.71
C SER D 352 -1.13 -23.18 9.53
N LEU D 353 -0.90 -24.01 10.56
CA LEU D 353 -1.98 -24.44 11.43
C LEU D 353 -2.08 -23.62 12.71
N TRP D 354 -0.99 -22.97 13.12
CA TRP D 354 -1.05 -21.98 14.18
C TRP D 354 -1.33 -20.59 13.63
N LEU D 355 -1.51 -20.47 12.32
CA LEU D 355 -1.91 -19.22 11.69
C LEU D 355 -3.30 -19.31 11.09
N MET D 356 -4.06 -20.35 11.43
CA MET D 356 -5.42 -20.51 10.94
C MET D 356 -6.48 -20.52 12.02
N MET D 357 -6.17 -21.04 13.21
CA MET D 357 -7.11 -21.01 14.34
C MET D 357 -6.70 -20.02 15.41
N ARG D 358 -5.64 -19.23 15.18
CA ARG D 358 -5.08 -18.37 16.22
C ARG D 358 -6.08 -17.31 16.68
N LYS D 359 -6.96 -16.85 15.80
CA LYS D 359 -7.85 -15.74 16.12
C LYS D 359 -9.32 -16.14 15.97
N ALA D 360 -9.66 -17.37 16.34
CA ALA D 360 -11.03 -17.83 16.29
C ALA D 360 -11.36 -18.70 17.50
#